data_3EIA
#
_entry.id   3EIA
#
_cell.length_a   102.676
_cell.length_b   102.676
_cell.length_c   172.014
_cell.angle_alpha   90.00
_cell.angle_beta   90.00
_cell.angle_gamma   120.00
#
_symmetry.space_group_name_H-M   'P 32 2 1'
#
loop_
_entity.id
_entity.type
_entity.pdbx_description
1 polymer 'LL-diaminopimelate aminotransferase'
2 non-polymer 'SULFATE ION'
3 non-polymer '(E)-N-({3-hydroxy-2-methyl-5-[(phosphonooxy)methyl]pyridin-4-yl}methylidene)-L-glutamic acid'
4 water water
#
_entity_poly.entity_id   1
_entity_poly.type   'polypeptide(L)'
_entity_poly.pdbx_seq_one_letter_code
;MAKRVNTCKCVATPQEKIEYKTKVSRNSNMSKLQAGYLFPEIARRRSAHLLKYPDAQVISLGIGDTTEPIPEVITSAMAK
KAHELSTIEGYSGYGAEQGAKPLRAAIAKTFYGGLGIGDDDVFVSDGAKCDISRLQVMFGSNVTIAVQDPSYPAYVDSSV
IMGQTGQFNTDVQKYGNIEYMRCTPENGFFPDLSTVGRTDIIFFCSPNNPTGAAATREQLTQLVEFAKKNGSIIVYDSAY
AMYMSDDNPRSIFEIPGAEEVAMETASFSQYAGFTGVRLGWTVIPKKLLYSDGFPVAKDFNRIICTCFNGASNISQAGAL
ACLTPEGLEAMHKVIGFYKENTNIIIDTFTSLGYDVYGGKNAPYVWVHFPNQSSWDVFAEILEKTHVVTTPGSGFGPGGE
GFVRVSAFGHRENILEACRRFKQLYKHHHHHH
;
_entity_poly.pdbx_strand_id   A,B
#
loop_
_chem_comp.id
_chem_comp.type
_chem_comp.name
_chem_comp.formula
PL6 non-polymer '(E)-N-({3-hydroxy-2-methyl-5-[(phosphonooxy)methyl]pyridin-4-yl}methylidene)-L-glutamic acid' 'C13 H17 N2 O9 P'
SO4 non-polymer 'SULFATE ION' 'O4 S -2'
#
# COMPACT_ATOMS: atom_id res chain seq x y z
N GLU A 19 -8.69 -9.92 32.68
CA GLU A 19 -8.14 -9.40 31.39
C GLU A 19 -9.12 -9.63 30.20
N TYR A 20 -9.66 -8.53 29.69
CA TYR A 20 -10.71 -8.61 28.67
C TYR A 20 -10.17 -9.06 27.30
N LYS A 21 -10.95 -9.87 26.60
CA LYS A 21 -10.65 -10.30 25.24
C LYS A 21 -11.94 -10.08 24.50
N THR A 22 -11.86 -9.60 23.25
CA THR A 22 -13.00 -9.62 22.34
C THR A 22 -13.40 -11.10 22.05
N LYS A 23 -14.53 -11.23 21.37
CA LYS A 23 -15.00 -12.48 20.84
C LYS A 23 -14.74 -12.63 19.31
N VAL A 24 -13.81 -11.85 18.79
CA VAL A 24 -13.40 -12.05 17.42
C VAL A 24 -12.33 -13.08 17.32
N SER A 25 -12.52 -14.07 16.45
CA SER A 25 -11.43 -15.02 16.18
C SER A 25 -10.26 -14.43 15.39
N ARG A 26 -9.05 -14.68 15.88
CA ARG A 26 -7.85 -14.43 15.13
C ARG A 26 -8.00 -15.02 13.70
N ASN A 27 -7.59 -14.28 12.68
CA ASN A 27 -7.59 -14.76 11.28
C ASN A 27 -6.81 -16.09 11.24
N SER A 28 -7.44 -17.20 10.82
CA SER A 28 -6.72 -18.51 10.87
C SER A 28 -5.54 -18.61 9.89
N ASN A 29 -5.52 -17.74 8.86
CA ASN A 29 -4.37 -17.58 7.95
C ASN A 29 -3.12 -16.95 8.63
N MET A 30 -3.32 -15.96 9.51
CA MET A 30 -2.22 -15.42 10.34
C MET A 30 -1.60 -16.48 11.24
N SER A 31 -2.43 -17.35 11.79
CA SER A 31 -1.96 -18.45 12.63
C SER A 31 -1.12 -19.40 11.87
N LYS A 32 -1.34 -19.54 10.56
CA LYS A 32 -0.56 -20.49 9.74
C LYS A 32 0.92 -20.21 9.62
N LEU A 33 1.30 -18.93 9.60
CA LEU A 33 2.69 -18.49 9.49
C LEU A 33 3.62 -19.10 10.56
N GLN A 34 4.79 -19.57 10.13
CA GLN A 34 5.72 -20.27 11.02
C GLN A 34 6.55 -19.42 11.98
N ALA A 35 7.08 -18.33 11.47
CA ALA A 35 7.75 -17.36 12.32
C ALA A 35 7.35 -16.00 11.74
N GLY A 36 8.02 -14.94 12.20
CA GLY A 36 7.91 -13.65 11.54
C GLY A 36 8.73 -13.60 10.25
N TYR A 37 8.47 -12.54 9.49
CA TYR A 37 9.23 -12.20 8.28
C TYR A 37 10.74 -12.26 8.55
N LEU A 38 11.47 -12.97 7.65
CA LEU A 38 12.90 -13.33 7.86
C LEU A 38 13.81 -12.16 8.28
N PHE A 39 13.51 -10.97 7.77
CA PHE A 39 14.43 -9.87 7.91
C PHE A 39 14.45 -9.25 9.31
N PRO A 40 13.26 -9.00 9.90
CA PRO A 40 13.21 -8.85 11.37
C PRO A 40 13.91 -9.91 12.23
N GLU A 41 13.88 -11.18 11.85
CA GLU A 41 14.66 -12.17 12.60
C GLU A 41 16.18 -11.90 12.58
N ILE A 42 16.70 -11.51 11.42
CA ILE A 42 18.10 -11.14 11.30
C ILE A 42 18.37 -9.87 12.10
N ALA A 43 17.45 -8.91 12.03
CA ALA A 43 17.59 -7.62 12.79
C ALA A 43 17.78 -7.92 14.27
N ARG A 44 16.99 -8.86 14.77
CA ARG A 44 17.04 -9.31 16.18
C ARG A 44 18.34 -10.02 16.53
N ARG A 45 18.84 -10.85 15.61
CA ARG A 45 20.13 -11.53 15.79
C ARG A 45 21.30 -10.57 15.70
N ARG A 46 21.16 -9.54 14.87
CA ARG A 46 22.18 -8.48 14.78
C ARG A 46 22.30 -7.70 16.10
N SER A 47 21.15 -7.36 16.69
CA SER A 47 21.08 -6.62 17.96
C SER A 47 21.68 -7.41 19.13
N ALA A 48 21.27 -8.67 19.25
CA ALA A 48 21.86 -9.64 20.16
C ALA A 48 23.39 -9.66 20.00
N HIS A 49 23.89 -9.63 18.77
CA HIS A 49 25.32 -9.67 18.54
C HIS A 49 26.03 -8.40 19.05
N LEU A 50 25.39 -7.26 18.90
CA LEU A 50 26.00 -5.99 19.34
C LEU A 50 25.98 -5.82 20.85
N LEU A 51 25.00 -6.43 21.54
CA LEU A 51 25.05 -6.56 23.01
C LEU A 51 26.23 -7.43 23.46
N LYS A 52 26.48 -8.51 22.73
CA LYS A 52 27.62 -9.41 22.99
C LYS A 52 28.97 -8.79 22.66
N TYR A 53 28.97 -7.95 21.63
CA TYR A 53 30.20 -7.29 21.15
C TYR A 53 29.92 -5.82 20.94
N PRO A 54 29.70 -5.08 22.06
CA PRO A 54 29.36 -3.64 22.04
C PRO A 54 30.23 -2.75 21.14
N ASP A 55 31.50 -3.13 20.97
CA ASP A 55 32.44 -2.38 20.17
C ASP A 55 32.68 -2.93 18.73
N ALA A 56 31.86 -3.90 18.30
CA ALA A 56 32.07 -4.46 16.96
C ALA A 56 31.66 -3.42 15.88
N GLN A 57 32.46 -3.33 14.82
CA GLN A 57 32.12 -2.57 13.61
C GLN A 57 31.37 -3.49 12.64
N VAL A 58 30.04 -3.53 12.81
CA VAL A 58 29.17 -4.40 12.01
C VAL A 58 29.03 -3.87 10.57
N ILE A 59 29.24 -4.74 9.57
CA ILE A 59 28.95 -4.37 8.16
C ILE A 59 27.74 -5.21 7.72
N SER A 60 26.67 -4.58 7.25
CA SER A 60 25.54 -5.35 6.74
C SER A 60 25.59 -5.66 5.24
N LEU A 61 25.56 -6.94 4.91
CA LEU A 61 25.37 -7.41 3.54
C LEU A 61 24.19 -8.39 3.58
N GLY A 62 23.26 -8.11 4.49
CA GLY A 62 22.06 -8.91 4.74
C GLY A 62 20.97 -8.44 3.79
N ILE A 63 19.94 -7.77 4.33
CA ILE A 63 18.91 -7.10 3.51
C ILE A 63 19.47 -6.30 2.33
N GLY A 64 18.76 -6.44 1.19
CA GLY A 64 19.16 -5.81 -0.07
C GLY A 64 18.80 -4.33 -0.10
N ASP A 65 19.45 -3.56 0.77
CA ASP A 65 19.10 -2.18 0.93
C ASP A 65 20.14 -1.33 0.26
N THR A 66 19.68 -0.41 -0.59
CA THR A 66 20.62 0.52 -1.25
C THR A 66 21.33 1.46 -0.24
N THR A 67 22.60 1.83 -0.53
CA THR A 67 23.37 2.70 0.37
C THR A 67 23.90 4.00 -0.19
N GLU A 68 23.89 4.19 -1.52
CA GLU A 68 24.56 5.33 -2.14
C GLU A 68 23.47 6.39 -2.32
N PRO A 69 23.84 7.66 -2.26
CA PRO A 69 22.87 8.74 -2.42
C PRO A 69 22.08 8.63 -3.76
N ILE A 70 20.81 9.03 -3.75
CA ILE A 70 20.07 9.30 -4.96
C ILE A 70 20.77 10.42 -5.75
N PRO A 71 20.90 10.23 -7.09
CA PRO A 71 21.42 11.34 -7.95
C PRO A 71 20.64 12.64 -7.80
N GLU A 72 21.37 13.73 -7.81
CA GLU A 72 20.80 15.07 -7.67
C GLU A 72 19.78 15.38 -8.71
N VAL A 73 19.98 14.87 -9.94
CA VAL A 73 18.98 15.20 -10.98
C VAL A 73 17.59 14.72 -10.46
N ILE A 74 17.59 13.59 -9.73
CA ILE A 74 16.35 12.97 -9.27
C ILE A 74 15.82 13.64 -8.01
N THR A 75 16.68 13.81 -7.01
CA THR A 75 16.24 14.53 -5.79
C THR A 75 15.82 15.98 -6.06
N SER A 76 16.44 16.64 -7.04
CA SER A 76 16.05 18.03 -7.40
C SER A 76 14.64 18.07 -7.91
N ALA A 77 14.23 17.06 -8.69
CA ALA A 77 12.84 17.03 -9.19
C ALA A 77 11.84 16.83 -8.03
N MET A 78 12.27 16.04 -7.05
CA MET A 78 11.43 15.78 -5.87
C MET A 78 11.29 17.04 -5.04
N ALA A 79 12.41 17.76 -4.80
CA ALA A 79 12.37 19.02 -4.10
C ALA A 79 11.52 20.05 -4.83
N LYS A 80 11.67 20.11 -6.15
CA LYS A 80 10.91 21.09 -6.90
C LYS A 80 9.38 20.85 -6.80
N LYS A 81 8.97 19.59 -6.93
CA LYS A 81 7.58 19.18 -6.70
C LYS A 81 7.12 19.56 -5.27
N ALA A 82 7.94 19.29 -4.24
CA ALA A 82 7.57 19.62 -2.87
C ALA A 82 7.33 21.12 -2.88
N HIS A 83 8.30 21.89 -3.38
CA HIS A 83 8.08 23.37 -3.42
C HIS A 83 6.80 23.76 -4.12
N GLU A 84 6.55 23.15 -5.27
CA GLU A 84 5.32 23.47 -6.02
C GLU A 84 4.04 23.26 -5.24
N LEU A 85 4.00 22.24 -4.37
CA LEU A 85 2.81 22.01 -3.52
C LEU A 85 2.41 23.17 -2.60
N SER A 86 3.30 24.14 -2.43
CA SER A 86 2.88 25.28 -1.61
C SER A 86 2.59 26.51 -2.47
N THR A 87 2.38 26.28 -3.74
CA THR A 87 1.93 27.33 -4.65
C THR A 87 0.51 27.03 -5.15
N ILE A 88 -0.23 28.08 -5.55
CA ILE A 88 -1.60 27.89 -5.95
C ILE A 88 -1.66 27.07 -7.24
N GLU A 89 -0.75 27.37 -8.16
CA GLU A 89 -0.81 26.77 -9.46
C GLU A 89 -0.22 25.34 -9.39
N GLY A 90 0.77 25.16 -8.54
CA GLY A 90 1.43 23.88 -8.38
C GLY A 90 0.83 22.88 -7.41
N TYR A 91 -0.13 23.28 -6.59
CA TYR A 91 -0.63 22.34 -5.64
C TYR A 91 -1.39 21.22 -6.38
N SER A 92 -1.21 19.97 -5.99
CA SER A 92 -2.18 18.97 -6.47
C SER A 92 -2.54 18.04 -5.34
N GLY A 93 -3.75 17.54 -5.41
CA GLY A 93 -4.34 16.71 -4.41
C GLY A 93 -4.29 15.27 -4.79
N TYR A 94 -5.43 14.58 -4.69
CA TYR A 94 -5.47 13.20 -5.14
C TYR A 94 -5.03 13.04 -6.60
N GLY A 95 -4.26 12.00 -6.89
CA GLY A 95 -3.94 11.74 -8.27
C GLY A 95 -4.82 10.61 -8.77
N ALA A 96 -4.88 10.34 -10.09
CA ALA A 96 -5.47 9.03 -10.57
C ALA A 96 -4.69 7.92 -9.89
N GLU A 97 -5.39 6.96 -9.27
CA GLU A 97 -4.74 5.87 -8.48
C GLU A 97 -3.81 5.02 -9.34
N GLN A 98 -4.04 4.99 -10.69
CA GLN A 98 -3.14 4.30 -11.66
C GLN A 98 -1.83 5.05 -11.81
N GLY A 99 -1.80 6.34 -11.45
CA GLY A 99 -0.56 7.12 -11.60
C GLY A 99 -0.64 8.19 -12.67
N ALA A 100 0.17 9.24 -12.50
CA ALA A 100 0.22 10.32 -13.48
C ALA A 100 0.41 9.74 -14.89
N LYS A 101 -0.46 10.15 -15.82
CA LYS A 101 -0.34 9.73 -17.23
C LYS A 101 1.08 9.85 -17.82
N PRO A 102 1.75 11.04 -17.70
CA PRO A 102 3.11 11.07 -18.24
C PRO A 102 4.08 10.09 -17.63
N LEU A 103 3.84 9.71 -16.38
CA LEU A 103 4.76 8.77 -15.77
C LEU A 103 4.46 7.39 -16.32
N ARG A 104 3.17 7.08 -16.46
CA ARG A 104 2.79 5.79 -17.05
C ARG A 104 3.33 5.70 -18.47
N ALA A 105 3.21 6.80 -19.22
CA ALA A 105 3.77 6.85 -20.62
C ALA A 105 5.28 6.64 -20.67
N ALA A 106 6.01 7.33 -19.78
CA ALA A 106 7.48 7.18 -19.70
C ALA A 106 7.88 5.74 -19.35
N ILE A 107 7.17 5.10 -18.42
CA ILE A 107 7.52 3.72 -18.05
C ILE A 107 7.18 2.78 -19.24
N ALA A 108 6.00 2.96 -19.84
CA ALA A 108 5.64 2.18 -21.03
C ALA A 108 6.70 2.26 -22.17
N LYS A 109 7.15 3.46 -22.51
CA LYS A 109 8.15 3.61 -23.58
C LYS A 109 9.55 3.16 -23.23
N THR A 110 10.02 3.53 -22.04
CA THR A 110 11.40 3.31 -21.64
C THR A 110 11.65 1.81 -21.45
N PHE A 111 10.71 1.09 -20.79
CA PHE A 111 10.94 -0.29 -20.48
C PHE A 111 10.23 -1.29 -21.40
N TYR A 112 9.19 -0.90 -22.13
CA TYR A 112 8.42 -1.84 -22.95
C TYR A 112 8.16 -1.34 -24.39
N GLY A 113 8.99 -0.39 -24.82
CA GLY A 113 8.81 0.23 -26.14
C GLY A 113 9.06 -0.92 -27.13
N GLY A 114 8.11 -1.06 -28.05
CA GLY A 114 8.17 -2.15 -29.05
C GLY A 114 7.62 -3.46 -28.55
N LEU A 115 7.16 -3.53 -27.29
CA LEU A 115 6.66 -4.82 -26.74
C LEU A 115 5.12 -4.80 -26.63
N GLY A 116 4.51 -3.76 -27.17
CA GLY A 116 3.05 -3.66 -27.29
C GLY A 116 2.31 -3.35 -26.00
N ILE A 117 2.96 -2.61 -25.12
CA ILE A 117 2.40 -2.20 -23.82
C ILE A 117 1.96 -0.74 -23.95
N GLY A 118 0.69 -0.44 -23.64
CA GLY A 118 0.17 0.95 -23.63
C GLY A 118 0.31 1.62 -22.28
N ASP A 119 0.24 2.94 -22.23
CA ASP A 119 0.23 3.69 -20.95
C ASP A 119 -0.81 3.13 -19.99
N ASP A 120 -1.92 2.69 -20.54
CA ASP A 120 -3.01 2.23 -19.75
C ASP A 120 -2.82 0.83 -19.18
N ASP A 121 -1.79 0.10 -19.60
CA ASP A 121 -1.51 -1.22 -19.01
C ASP A 121 -0.59 -1.08 -17.79
N VAL A 122 -0.08 0.14 -17.54
CA VAL A 122 0.86 0.42 -16.44
C VAL A 122 0.11 0.98 -15.19
N PHE A 123 0.41 0.42 -14.02
CA PHE A 123 -0.20 0.83 -12.79
C PHE A 123 0.98 1.19 -11.86
N VAL A 124 1.08 2.46 -11.53
CA VAL A 124 2.14 2.96 -10.63
C VAL A 124 1.75 2.70 -9.18
N SER A 125 2.69 2.14 -8.41
CA SER A 125 2.48 1.86 -7.00
C SER A 125 3.54 2.52 -6.12
N ASP A 126 3.42 2.31 -4.81
CA ASP A 126 4.45 2.70 -3.83
C ASP A 126 5.43 1.55 -3.59
N GLY A 127 5.51 0.61 -4.53
CA GLY A 127 6.60 -0.32 -4.58
C GLY A 127 6.15 -1.73 -4.77
N ALA A 128 7.09 -2.61 -5.07
CA ALA A 128 6.77 -3.95 -5.52
C ALA A 128 6.24 -4.83 -4.38
N LYS A 129 6.72 -4.65 -3.15
CA LYS A 129 6.23 -5.48 -2.06
C LYS A 129 4.71 -5.26 -1.88
N CYS A 130 4.28 -4.00 -1.96
CA CYS A 130 2.87 -3.65 -1.86
C CYS A 130 2.05 -4.17 -3.06
N ASP A 131 2.55 -4.02 -4.29
CA ASP A 131 1.85 -4.61 -5.43
C ASP A 131 1.65 -6.15 -5.30
N ILE A 132 2.63 -6.88 -4.80
CA ILE A 132 2.49 -8.32 -4.72
C ILE A 132 1.29 -8.64 -3.82
N SER A 133 1.24 -7.99 -2.67
CA SER A 133 0.10 -8.14 -1.77
C SER A 133 -1.25 -7.68 -2.33
N ARG A 134 -1.24 -6.56 -3.03
CA ARG A 134 -2.45 -6.15 -3.69
C ARG A 134 -2.89 -7.13 -4.81
N LEU A 135 -1.93 -7.69 -5.57
CA LEU A 135 -2.23 -8.77 -6.58
C LEU A 135 -2.84 -10.00 -5.90
N GLN A 136 -2.30 -10.34 -4.71
CA GLN A 136 -2.74 -11.51 -3.96
C GLN A 136 -4.14 -11.24 -3.45
N VAL A 137 -4.42 -10.00 -3.07
CA VAL A 137 -5.83 -9.66 -2.75
C VAL A 137 -6.75 -9.82 -3.98
N MET A 138 -6.30 -9.32 -5.12
CA MET A 138 -7.05 -9.49 -6.36
C MET A 138 -7.24 -10.99 -6.70
N PHE A 139 -6.22 -11.83 -6.60
CA PHE A 139 -6.37 -13.21 -7.05
C PHE A 139 -7.29 -13.94 -6.10
N GLY A 140 -7.15 -13.62 -4.83
CA GLY A 140 -8.02 -14.12 -3.77
C GLY A 140 -7.57 -15.45 -3.18
N SER A 141 -8.44 -16.01 -2.34
CA SER A 141 -8.04 -17.14 -1.51
C SER A 141 -8.03 -18.48 -2.25
N ASN A 142 -8.64 -18.54 -3.42
CA ASN A 142 -8.89 -19.87 -4.05
C ASN A 142 -7.92 -20.22 -5.16
N VAL A 143 -6.94 -19.39 -5.44
CA VAL A 143 -5.93 -19.78 -6.43
C VAL A 143 -4.79 -20.56 -5.76
N THR A 144 -4.06 -21.34 -6.56
CA THR A 144 -2.85 -21.99 -6.04
C THR A 144 -1.67 -21.35 -6.72
N ILE A 145 -0.54 -21.41 -6.02
CA ILE A 145 0.67 -20.75 -6.53
C ILE A 145 1.89 -21.70 -6.69
N ALA A 146 2.77 -21.33 -7.61
CA ALA A 146 4.11 -21.89 -7.70
C ALA A 146 5.11 -20.76 -7.50
N VAL A 147 6.20 -21.08 -6.83
CA VAL A 147 7.32 -20.16 -6.59
C VAL A 147 8.61 -20.90 -6.94
N GLN A 148 9.62 -20.18 -7.38
CA GLN A 148 10.98 -20.67 -7.35
C GLN A 148 11.36 -21.06 -5.91
N ASP A 149 12.25 -22.03 -5.81
CA ASP A 149 12.72 -22.56 -4.54
C ASP A 149 14.24 -22.69 -4.66
N PRO A 150 14.99 -21.68 -4.13
CA PRO A 150 14.51 -20.61 -3.23
C PRO A 150 13.86 -19.42 -3.94
N SER A 151 13.14 -18.59 -3.20
CA SER A 151 13.00 -17.20 -3.63
C SER A 151 12.43 -16.27 -2.55
N TYR A 152 12.37 -15.00 -2.95
CA TYR A 152 11.89 -13.90 -2.13
C TYR A 152 10.65 -14.30 -1.31
N PRO A 153 10.78 -14.25 0.04
CA PRO A 153 9.81 -14.80 1.00
C PRO A 153 8.40 -14.20 0.93
N ALA A 154 8.27 -12.98 0.43
CA ALA A 154 6.96 -12.32 0.26
C ALA A 154 5.91 -12.99 -0.65
N TYR A 155 6.35 -13.71 -1.69
CA TYR A 155 5.37 -14.41 -2.52
C TYR A 155 4.69 -15.48 -1.66
N VAL A 156 5.48 -16.40 -1.04
CA VAL A 156 4.91 -17.40 -0.11
C VAL A 156 4.07 -16.75 1.02
N ASP A 157 4.63 -15.75 1.70
CA ASP A 157 4.00 -15.25 2.90
C ASP A 157 2.69 -14.58 2.56
N SER A 158 2.67 -13.78 1.49
CA SER A 158 1.40 -13.22 1.00
C SER A 158 0.39 -14.34 0.68
N SER A 159 0.88 -15.42 0.07
CA SER A 159 0.02 -16.54 -0.23
C SER A 159 -0.71 -17.14 1.01
N VAL A 160 0.05 -17.37 2.08
CA VAL A 160 -0.45 -17.98 3.31
C VAL A 160 -1.51 -17.05 3.92
N ILE A 161 -1.14 -15.78 4.03
CA ILE A 161 -2.02 -14.76 4.63
C ILE A 161 -3.36 -14.71 3.89
N MET A 162 -3.37 -14.89 2.56
CA MET A 162 -4.63 -14.86 1.81
C MET A 162 -5.39 -16.18 1.83
N GLY A 163 -4.83 -17.23 2.40
CA GLY A 163 -5.60 -18.43 2.54
C GLY A 163 -5.38 -19.39 1.40
N GLN A 164 -4.31 -19.20 0.63
CA GLN A 164 -4.12 -20.06 -0.59
C GLN A 164 -3.36 -21.33 -0.29
N THR A 165 -2.99 -21.52 0.97
CA THR A 165 -2.10 -22.59 1.37
C THR A 165 -2.72 -23.48 2.47
N GLY A 166 -2.13 -24.66 2.66
CA GLY A 166 -2.35 -25.44 3.91
C GLY A 166 -1.37 -25.03 4.99
N GLN A 167 -1.17 -25.92 5.97
CA GLN A 167 -0.27 -25.63 7.08
C GLN A 167 1.17 -25.79 6.66
N PHE A 168 2.08 -25.24 7.46
CA PHE A 168 3.49 -25.47 7.33
C PHE A 168 3.91 -26.85 7.76
N ASN A 169 4.54 -27.59 6.89
CA ASN A 169 5.05 -28.88 7.27
C ASN A 169 6.52 -28.71 7.60
N THR A 170 6.85 -28.84 8.89
CA THR A 170 8.23 -28.66 9.35
C THR A 170 9.16 -29.80 8.93
N ASP A 171 8.61 -30.96 8.56
CA ASP A 171 9.44 -32.03 7.96
C ASP A 171 10.13 -31.55 6.68
N VAL A 172 9.35 -31.08 5.69
CA VAL A 172 9.94 -30.59 4.44
C VAL A 172 10.20 -29.08 4.37
N GLN A 173 9.82 -28.34 5.41
CA GLN A 173 9.99 -26.88 5.47
C GLN A 173 9.14 -26.15 4.41
N LYS A 174 7.92 -26.64 4.24
CA LYS A 174 7.08 -26.20 3.17
C LYS A 174 5.62 -25.98 3.61
N TYR A 175 4.99 -24.91 3.15
CA TYR A 175 3.54 -24.82 3.25
C TYR A 175 2.83 -25.75 2.29
N GLY A 176 1.74 -26.36 2.77
CA GLY A 176 0.96 -27.25 1.90
C GLY A 176 0.36 -26.49 0.71
N ASN A 177 0.33 -27.11 -0.46
CA ASN A 177 -0.45 -26.61 -1.55
C ASN A 177 0.25 -25.50 -2.35
N ILE A 178 1.51 -25.18 -2.00
CA ILE A 178 2.36 -24.29 -2.80
C ILE A 178 3.29 -25.21 -3.59
N GLU A 179 3.42 -24.95 -4.89
CA GLU A 179 4.31 -25.72 -5.75
C GLU A 179 5.69 -25.03 -5.77
N TYR A 180 6.67 -25.63 -5.08
CA TYR A 180 8.00 -25.07 -5.00
C TYR A 180 8.91 -25.59 -6.10
N MET A 181 9.44 -24.70 -6.93
CA MET A 181 10.11 -25.19 -8.16
C MET A 181 11.56 -25.07 -7.87
N ARG A 182 12.26 -26.19 -7.62
CA ARG A 182 13.69 -26.11 -7.24
C ARG A 182 14.58 -25.57 -8.33
N CYS A 183 15.43 -24.63 -7.93
CA CYS A 183 16.40 -23.97 -8.79
C CYS A 183 17.74 -24.19 -8.09
N THR A 184 18.60 -25.02 -8.70
CA THR A 184 19.77 -25.56 -8.02
C THR A 184 20.95 -25.38 -8.98
N PRO A 185 22.19 -25.51 -8.52
CA PRO A 185 23.30 -25.56 -9.53
C PRO A 185 23.17 -26.68 -10.58
N GLU A 186 22.65 -27.85 -10.20
CA GLU A 186 22.42 -28.99 -11.13
C GLU A 186 21.35 -28.78 -12.19
N ASN A 187 20.47 -27.80 -12.01
CA ASN A 187 19.59 -27.45 -13.09
C ASN A 187 19.81 -26.10 -13.68
N GLY A 188 20.91 -25.43 -13.34
CA GLY A 188 21.21 -24.13 -13.91
C GLY A 188 20.30 -23.07 -13.31
N PHE A 189 19.82 -23.32 -12.10
CA PHE A 189 18.87 -22.42 -11.43
C PHE A 189 17.62 -22.11 -12.21
N PHE A 190 17.10 -23.08 -12.98
CA PHE A 190 15.83 -22.93 -13.72
C PHE A 190 15.06 -24.21 -13.44
N PRO A 191 13.78 -24.09 -13.10
CA PRO A 191 13.05 -25.34 -12.83
C PRO A 191 13.07 -26.31 -14.03
N ASP A 192 13.06 -27.58 -13.71
CA ASP A 192 12.72 -28.56 -14.69
C ASP A 192 11.19 -28.56 -14.72
N LEU A 193 10.67 -27.83 -15.68
CA LEU A 193 9.23 -27.69 -15.83
C LEU A 193 8.47 -29.01 -16.11
N SER A 194 9.06 -30.04 -16.76
CA SER A 194 8.34 -31.32 -17.02
C SER A 194 7.98 -31.99 -15.69
N THR A 195 8.66 -31.56 -14.64
CA THR A 195 8.43 -32.08 -13.27
C THR A 195 7.56 -31.17 -12.38
N VAL A 196 7.14 -30.00 -12.89
CA VAL A 196 6.39 -29.03 -12.10
C VAL A 196 4.87 -29.16 -12.29
N GLY A 197 4.13 -29.34 -11.19
CA GLY A 197 2.66 -29.50 -11.18
C GLY A 197 1.95 -28.22 -11.59
N ARG A 198 0.73 -28.32 -12.10
CA ARG A 198 0.01 -27.15 -12.55
C ARG A 198 -0.48 -26.29 -11.35
N THR A 199 -0.39 -24.97 -11.44
CA THR A 199 -0.96 -24.06 -10.43
C THR A 199 -1.61 -22.96 -11.22
N ASP A 200 -2.34 -22.08 -10.54
CA ASP A 200 -2.98 -20.97 -11.21
C ASP A 200 -1.98 -19.91 -11.49
N ILE A 201 -1.13 -19.64 -10.48
CA ILE A 201 -0.21 -18.52 -10.58
C ILE A 201 1.19 -19.03 -10.51
N ILE A 202 2.07 -18.45 -11.32
CA ILE A 202 3.50 -18.76 -11.20
C ILE A 202 4.27 -17.45 -10.87
N PHE A 203 4.81 -17.35 -9.67
CA PHE A 203 5.65 -16.22 -9.38
C PHE A 203 7.06 -16.53 -9.86
N PHE A 204 7.62 -15.65 -10.67
CA PHE A 204 8.93 -15.90 -11.26
C PHE A 204 9.78 -14.62 -11.28
N CYS A 205 10.88 -14.67 -10.55
CA CYS A 205 11.65 -13.49 -10.40
C CYS A 205 12.95 -13.68 -11.20
N SER A 206 13.29 -12.71 -12.06
CA SER A 206 14.53 -12.78 -12.87
C SER A 206 15.01 -11.40 -13.26
N PRO A 207 16.28 -11.09 -12.96
CA PRO A 207 17.20 -11.94 -12.19
C PRO A 207 16.65 -12.24 -10.81
N ASN A 208 16.91 -13.45 -10.34
CA ASN A 208 16.32 -14.00 -9.13
C ASN A 208 16.95 -13.44 -7.86
N ASN A 209 16.08 -13.17 -6.89
CA ASN A 209 16.46 -13.00 -5.49
C ASN A 209 16.00 -14.28 -4.80
N PRO A 210 16.92 -15.06 -4.18
CA PRO A 210 18.32 -14.79 -3.87
C PRO A 210 19.46 -15.28 -4.77
N THR A 211 19.20 -16.09 -5.78
CA THR A 211 20.29 -16.82 -6.43
C THR A 211 21.10 -15.94 -7.40
N GLY A 212 20.55 -14.80 -7.81
CA GLY A 212 21.14 -13.97 -8.87
C GLY A 212 20.92 -14.43 -10.31
N ALA A 213 20.29 -15.60 -10.47
CA ALA A 213 20.25 -16.27 -11.74
C ALA A 213 19.27 -15.58 -12.67
N ALA A 214 19.75 -15.26 -13.85
CA ALA A 214 18.83 -14.74 -14.86
C ALA A 214 18.48 -15.77 -15.92
N ALA A 215 17.18 -15.93 -16.17
CA ALA A 215 16.64 -16.82 -17.18
C ALA A 215 17.01 -16.34 -18.60
N THR A 216 17.45 -17.28 -19.44
CA THR A 216 17.73 -16.99 -20.84
C THR A 216 16.41 -16.85 -21.63
N ARG A 217 16.51 -16.32 -22.85
CA ARG A 217 15.38 -16.26 -23.75
C ARG A 217 14.78 -17.66 -23.94
N GLU A 218 15.62 -18.67 -24.12
CA GLU A 218 15.05 -20.01 -24.33
C GLU A 218 14.28 -20.51 -23.08
N GLN A 219 14.83 -20.30 -21.89
CA GLN A 219 14.11 -20.59 -20.63
C GLN A 219 12.81 -19.82 -20.49
N LEU A 220 12.84 -18.51 -20.73
CA LEU A 220 11.58 -17.76 -20.58
C LEU A 220 10.54 -18.24 -21.60
N THR A 221 11.03 -18.69 -22.76
CA THR A 221 10.14 -19.21 -23.81
C THR A 221 9.44 -20.48 -23.30
N GLN A 222 10.22 -21.35 -22.64
CA GLN A 222 9.70 -22.55 -22.04
C GLN A 222 8.67 -22.18 -20.97
N LEU A 223 9.01 -21.12 -20.20
CA LEU A 223 8.12 -20.65 -19.14
C LEU A 223 6.75 -20.25 -19.68
N VAL A 224 6.72 -19.46 -20.75
CA VAL A 224 5.46 -18.98 -21.33
C VAL A 224 4.71 -20.16 -21.94
N GLU A 225 5.42 -21.02 -22.66
CA GLU A 225 4.80 -22.27 -23.20
C GLU A 225 4.13 -23.11 -22.09
N PHE A 226 4.83 -23.28 -21.00
CA PHE A 226 4.30 -24.00 -19.84
C PHE A 226 3.03 -23.31 -19.25
N ALA A 227 3.10 -22.00 -19.00
CA ALA A 227 1.90 -21.26 -18.58
C ALA A 227 0.76 -21.34 -19.57
N LYS A 228 1.07 -21.27 -20.87
CA LYS A 228 0.03 -21.40 -21.89
C LYS A 228 -0.66 -22.77 -21.89
N LYS A 229 0.11 -23.86 -21.84
CA LYS A 229 -0.57 -25.13 -21.76
C LYS A 229 -1.33 -25.34 -20.47
N ASN A 230 -0.81 -24.85 -19.34
CA ASN A 230 -1.49 -25.03 -18.08
C ASN A 230 -2.59 -24.00 -17.81
N GLY A 231 -2.74 -23.00 -18.70
CA GLY A 231 -3.68 -21.87 -18.47
C GLY A 231 -3.39 -21.15 -17.14
N SER A 232 -2.10 -20.92 -16.87
CA SER A 232 -1.62 -20.19 -15.69
C SER A 232 -1.27 -18.70 -15.96
N ILE A 233 -1.15 -17.94 -14.87
CA ILE A 233 -0.67 -16.57 -14.96
C ILE A 233 0.72 -16.45 -14.36
N ILE A 234 1.67 -16.00 -15.17
CA ILE A 234 2.98 -15.67 -14.65
C ILE A 234 2.98 -14.30 -14.02
N VAL A 235 3.43 -14.24 -12.77
CA VAL A 235 3.68 -12.95 -12.21
C VAL A 235 5.22 -12.74 -12.28
N TYR A 236 5.67 -11.87 -13.17
CA TYR A 236 7.10 -11.79 -13.43
C TYR A 236 7.73 -10.60 -12.72
N ASP A 237 8.70 -10.85 -11.85
CA ASP A 237 9.29 -9.79 -11.03
C ASP A 237 10.66 -9.37 -11.65
N SER A 238 10.67 -8.20 -12.25
CA SER A 238 11.87 -7.70 -12.91
C SER A 238 12.61 -6.67 -12.08
N ALA A 239 12.45 -6.71 -10.74
CA ALA A 239 13.08 -5.70 -9.91
C ALA A 239 14.62 -5.57 -10.10
N TYR A 240 15.31 -6.61 -10.54
CA TYR A 240 16.79 -6.48 -10.73
C TYR A 240 17.20 -6.52 -12.21
N ALA A 241 16.23 -6.37 -13.12
CA ALA A 241 16.49 -6.45 -14.59
C ALA A 241 17.57 -5.48 -15.03
N MET A 242 17.62 -4.29 -14.44
CA MET A 242 18.65 -3.31 -14.80
C MET A 242 20.08 -3.74 -14.43
N TYR A 243 20.25 -4.78 -13.62
CA TYR A 243 21.59 -5.33 -13.34
C TYR A 243 22.04 -6.33 -14.40
N MET A 244 21.21 -6.62 -15.40
CA MET A 244 21.55 -7.68 -16.37
C MET A 244 22.88 -7.40 -17.11
N SER A 245 23.81 -8.35 -17.12
CA SER A 245 25.03 -8.22 -17.93
C SER A 245 24.96 -9.04 -19.21
N ASP A 246 24.63 -10.33 -19.04
CA ASP A 246 24.39 -11.24 -20.15
C ASP A 246 23.23 -10.76 -21.03
N ASP A 247 23.24 -11.25 -22.25
CA ASP A 247 22.26 -10.86 -23.24
C ASP A 247 21.01 -11.70 -23.09
N ASN A 248 20.32 -11.53 -21.95
CA ASN A 248 19.05 -12.16 -21.68
C ASN A 248 17.94 -11.10 -21.65
N PRO A 249 16.70 -11.53 -21.90
CA PRO A 249 15.58 -10.55 -21.84
C PRO A 249 15.40 -9.95 -20.46
N ARG A 250 15.00 -8.70 -20.45
CA ARG A 250 14.76 -7.95 -19.23
C ARG A 250 13.30 -7.85 -18.85
N SER A 251 12.41 -8.05 -19.82
CA SER A 251 10.93 -8.16 -19.63
C SER A 251 10.42 -9.47 -20.21
N ILE A 252 9.55 -10.14 -19.45
CA ILE A 252 8.75 -11.24 -19.96
C ILE A 252 8.00 -10.94 -21.29
N PHE A 253 7.64 -9.69 -21.52
CA PHE A 253 6.90 -9.34 -22.73
C PHE A 253 7.78 -9.41 -24.02
N GLU A 254 9.10 -9.51 -23.85
CA GLU A 254 9.96 -9.88 -24.96
C GLU A 254 9.64 -11.32 -25.52
N ILE A 255 8.92 -12.16 -24.77
CA ILE A 255 8.55 -13.48 -25.25
C ILE A 255 7.19 -13.41 -25.98
N PRO A 256 7.16 -13.66 -27.31
CA PRO A 256 5.81 -13.68 -27.93
C PRO A 256 4.90 -14.66 -27.22
N GLY A 257 3.62 -14.31 -27.08
CA GLY A 257 2.70 -15.08 -26.25
C GLY A 257 2.56 -14.63 -24.80
N ALA A 258 3.59 -13.95 -24.29
CA ALA A 258 3.60 -13.52 -22.90
C ALA A 258 2.35 -12.68 -22.52
N GLU A 259 1.87 -11.84 -23.43
CA GLU A 259 0.72 -10.93 -23.21
C GLU A 259 -0.62 -11.69 -22.94
N GLU A 260 -0.62 -13.00 -23.17
CA GLU A 260 -1.74 -13.92 -22.93
C GLU A 260 -1.67 -14.60 -21.51
N VAL A 261 -0.51 -14.57 -20.90
CA VAL A 261 -0.31 -15.37 -19.68
C VAL A 261 0.49 -14.69 -18.59
N ALA A 262 0.97 -13.46 -18.81
CA ALA A 262 1.89 -12.83 -17.84
C ALA A 262 1.60 -11.37 -17.54
N MET A 263 1.94 -11.00 -16.31
CA MET A 263 2.01 -9.61 -15.94
C MET A 263 3.42 -9.42 -15.37
N GLU A 264 3.83 -8.16 -15.18
CA GLU A 264 5.14 -7.89 -14.62
C GLU A 264 5.11 -6.81 -13.51
N THR A 265 5.86 -7.05 -12.43
CA THR A 265 6.08 -6.09 -11.33
C THR A 265 7.55 -5.65 -11.29
N ALA A 266 7.72 -4.35 -11.10
CA ALA A 266 9.04 -3.70 -11.07
C ALA A 266 9.06 -2.60 -10.02
N SER A 267 10.23 -2.00 -9.79
CA SER A 267 10.34 -1.02 -8.72
C SER A 267 11.49 -0.10 -9.05
N PHE A 268 11.42 1.18 -8.67
CA PHE A 268 12.64 1.95 -8.68
C PHE A 268 13.53 1.74 -7.45
N SER A 269 13.17 0.86 -6.51
CA SER A 269 14.00 0.71 -5.29
C SER A 269 15.47 0.49 -5.60
N GLN A 270 15.75 -0.49 -6.47
CA GLN A 270 17.14 -0.97 -6.72
C GLN A 270 17.86 -0.30 -7.87
N TYR A 271 17.12 0.50 -8.66
CA TYR A 271 17.66 1.33 -9.72
C TYR A 271 18.07 2.68 -9.23
N ALA A 272 17.18 3.33 -8.48
CA ALA A 272 17.44 4.71 -8.08
C ALA A 272 17.67 4.88 -6.59
N GLY A 273 17.63 3.78 -5.83
CA GLY A 273 17.80 3.86 -4.40
C GLY A 273 16.52 4.38 -3.74
N PHE A 274 15.38 4.16 -4.40
CA PHE A 274 14.04 4.58 -3.94
C PHE A 274 13.45 3.63 -2.85
N THR A 275 14.32 2.86 -2.22
CA THR A 275 13.87 1.90 -1.15
C THR A 275 13.05 2.62 -0.05
N GLY A 276 13.43 3.85 0.29
CA GLY A 276 12.65 4.62 1.26
C GLY A 276 11.69 5.63 0.66
N VAL A 277 11.86 5.94 -0.64
CA VAL A 277 11.05 6.94 -1.38
C VAL A 277 9.74 6.30 -1.85
N ARG A 278 9.81 5.03 -2.29
CA ARG A 278 8.63 4.20 -2.56
C ARG A 278 7.97 4.51 -3.94
N LEU A 279 8.35 3.73 -4.95
CA LEU A 279 7.76 3.86 -6.30
C LEU A 279 8.07 2.63 -7.13
N GLY A 280 7.04 1.93 -7.57
CA GLY A 280 7.18 0.78 -8.48
C GLY A 280 6.03 0.91 -9.49
N TRP A 281 5.83 -0.16 -10.24
CA TRP A 281 4.71 -0.29 -11.16
C TRP A 281 4.47 -1.74 -11.42
N THR A 282 3.27 -2.02 -11.92
CA THR A 282 2.90 -3.34 -12.41
C THR A 282 2.34 -3.12 -13.85
N VAL A 283 2.58 -4.06 -14.77
CA VAL A 283 2.10 -3.99 -16.14
C VAL A 283 1.21 -5.16 -16.31
N ILE A 284 -0.04 -4.91 -16.62
CA ILE A 284 -0.94 -6.06 -16.93
C ILE A 284 -1.45 -5.87 -18.37
N PRO A 285 -1.09 -6.81 -19.28
CA PRO A 285 -1.44 -6.63 -20.71
C PRO A 285 -2.94 -6.87 -21.00
N LYS A 286 -3.44 -6.28 -22.09
CA LYS A 286 -4.82 -6.37 -22.50
C LYS A 286 -5.33 -7.79 -22.75
N LYS A 287 -4.44 -8.71 -23.12
CA LYS A 287 -4.85 -10.05 -23.56
C LYS A 287 -4.82 -11.07 -22.42
N LEU A 288 -4.44 -10.61 -21.23
CA LEU A 288 -4.48 -11.44 -20.03
C LEU A 288 -5.91 -11.56 -19.45
N LEU A 289 -6.49 -12.76 -19.59
CA LEU A 289 -7.89 -12.98 -19.23
C LEU A 289 -8.07 -14.14 -18.29
N TYR A 290 -9.08 -14.05 -17.41
CA TYR A 290 -9.46 -15.16 -16.55
C TYR A 290 -10.23 -16.22 -17.39
N SER A 291 -10.46 -17.40 -16.81
CA SER A 291 -11.20 -18.47 -17.52
C SER A 291 -12.57 -18.10 -18.07
N ASP A 292 -13.21 -17.03 -17.58
CA ASP A 292 -14.51 -16.56 -18.13
C ASP A 292 -14.38 -15.37 -19.10
N GLY A 293 -13.15 -15.12 -19.53
CA GLY A 293 -12.91 -14.09 -20.48
C GLY A 293 -12.74 -12.69 -19.90
N PHE A 294 -12.94 -12.55 -18.60
CA PHE A 294 -12.82 -11.24 -17.96
C PHE A 294 -11.34 -10.80 -17.88
N PRO A 295 -11.03 -9.53 -18.29
CA PRO A 295 -9.67 -9.04 -18.26
C PRO A 295 -9.16 -8.86 -16.84
N VAL A 296 -8.03 -9.49 -16.56
CA VAL A 296 -7.37 -9.36 -15.25
C VAL A 296 -7.08 -7.87 -14.92
N ALA A 297 -6.66 -7.09 -15.91
CA ALA A 297 -6.39 -5.64 -15.66
C ALA A 297 -7.59 -4.87 -15.08
N LYS A 298 -8.82 -5.28 -15.42
CA LYS A 298 -10.01 -4.61 -14.87
C LYS A 298 -10.22 -4.92 -13.38
N ASP A 299 -9.87 -6.12 -12.94
CA ASP A 299 -9.94 -6.40 -11.52
C ASP A 299 -8.81 -5.73 -10.72
N PHE A 300 -7.62 -5.64 -11.31
CA PHE A 300 -6.54 -4.98 -10.62
C PHE A 300 -6.86 -3.50 -10.49
N ASN A 301 -7.46 -2.96 -11.53
CA ASN A 301 -7.75 -1.57 -11.52
C ASN A 301 -8.79 -1.29 -10.43
N ARG A 302 -9.80 -2.19 -10.29
CA ARG A 302 -10.68 -2.16 -9.13
C ARG A 302 -9.98 -2.19 -7.75
N ILE A 303 -9.08 -3.15 -7.55
CA ILE A 303 -8.28 -3.19 -6.33
C ILE A 303 -7.52 -1.90 -6.09
N ILE A 304 -6.88 -1.38 -7.12
CA ILE A 304 -6.05 -0.17 -6.95
C ILE A 304 -6.86 1.11 -6.64
N CYS A 305 -8.12 1.14 -7.07
CA CYS A 305 -9.09 2.20 -6.79
C CYS A 305 -9.74 2.05 -5.45
N THR A 306 -9.73 0.85 -4.88
CA THR A 306 -10.49 0.64 -3.66
C THR A 306 -9.57 0.51 -2.42
N CYS A 307 -8.40 -0.07 -2.63
CA CYS A 307 -7.50 -0.46 -1.56
C CYS A 307 -6.23 0.43 -1.49
N PHE A 308 -6.17 1.45 -2.34
CA PHE A 308 -4.94 2.24 -2.50
C PHE A 308 -5.37 3.62 -2.98
N ASN A 309 -4.60 4.69 -2.67
CA ASN A 309 -4.96 6.03 -3.13
C ASN A 309 -3.86 6.69 -3.92
N GLY A 310 -2.98 5.87 -4.51
CA GLY A 310 -1.95 6.33 -5.41
C GLY A 310 -0.59 6.39 -4.74
N ALA A 311 0.47 6.31 -5.54
CA ALA A 311 1.81 6.54 -5.06
C ALA A 311 1.96 8.02 -4.70
N SER A 312 2.94 8.35 -3.84
CA SER A 312 3.17 9.76 -3.46
C SER A 312 3.43 10.64 -4.70
N ASN A 313 2.85 11.85 -4.72
CA ASN A 313 3.05 12.78 -5.85
C ASN A 313 4.50 13.16 -5.99
N ILE A 314 5.22 13.26 -4.88
CA ILE A 314 6.62 13.64 -4.93
C ILE A 314 7.48 12.44 -5.43
N SER A 315 7.16 11.23 -4.97
CA SER A 315 7.85 10.05 -5.48
C SER A 315 7.60 9.91 -7.00
N GLN A 316 6.35 10.13 -7.41
CA GLN A 316 6.07 10.02 -8.86
C GLN A 316 6.85 11.10 -9.65
N ALA A 317 6.93 12.33 -9.15
CA ALA A 317 7.81 13.35 -9.79
C ALA A 317 9.29 12.93 -9.87
N GLY A 318 9.76 12.20 -8.84
CA GLY A 318 11.13 11.73 -8.86
C GLY A 318 11.28 10.65 -9.93
N ALA A 319 10.34 9.70 -9.99
CA ALA A 319 10.44 8.61 -10.99
C ALA A 319 10.39 9.19 -12.38
N LEU A 320 9.57 10.23 -12.58
CA LEU A 320 9.47 10.86 -13.92
C LEU A 320 10.83 11.42 -14.35
N ALA A 321 11.52 12.07 -13.40
CA ALA A 321 12.90 12.49 -13.61
C ALA A 321 13.90 11.37 -13.91
N CYS A 322 13.70 10.17 -13.38
CA CYS A 322 14.58 9.04 -13.67
C CYS A 322 14.60 8.74 -15.16
N LEU A 323 13.44 8.92 -15.81
CA LEU A 323 13.18 8.47 -17.21
C LEU A 323 13.41 9.54 -18.27
N THR A 324 14.65 10.02 -18.26
CA THR A 324 15.17 11.13 -19.04
C THR A 324 16.62 10.77 -19.29
N PRO A 325 17.24 11.37 -20.31
CA PRO A 325 18.64 11.04 -20.57
C PRO A 325 19.50 11.21 -19.30
N GLU A 326 19.31 12.32 -18.58
CA GLU A 326 20.11 12.54 -17.41
C GLU A 326 19.79 11.56 -16.26
N GLY A 327 18.54 11.18 -16.10
CA GLY A 327 18.15 10.22 -15.06
C GLY A 327 18.69 8.84 -15.33
N LEU A 328 18.52 8.41 -16.57
CA LEU A 328 18.98 7.09 -16.98
C LEU A 328 20.47 7.00 -16.86
N GLU A 329 21.15 8.06 -17.23
CA GLU A 329 22.60 8.06 -17.09
C GLU A 329 23.07 7.94 -15.62
N ALA A 330 22.42 8.73 -14.76
CA ALA A 330 22.69 8.69 -13.28
C ALA A 330 22.46 7.32 -12.66
N MET A 331 21.34 6.71 -13.01
CA MET A 331 20.99 5.38 -12.51
C MET A 331 21.96 4.33 -12.97
N HIS A 332 22.36 4.39 -14.26
CA HIS A 332 23.33 3.45 -14.81
C HIS A 332 24.64 3.51 -14.04
N LYS A 333 25.05 4.70 -13.66
CA LYS A 333 26.29 4.92 -12.93
C LYS A 333 26.24 4.31 -11.49
N VAL A 334 25.12 4.49 -10.81
CA VAL A 334 24.97 3.89 -9.48
C VAL A 334 24.89 2.37 -9.61
N ILE A 335 24.05 1.88 -10.49
CA ILE A 335 24.08 0.45 -10.84
C ILE A 335 25.45 -0.08 -11.11
N GLY A 336 26.22 0.57 -11.99
CA GLY A 336 27.62 0.20 -12.25
C GLY A 336 28.50 0.10 -11.00
N PHE A 337 28.29 1.03 -10.07
CA PHE A 337 28.99 0.97 -8.79
C PHE A 337 28.66 -0.34 -8.03
N TYR A 338 27.38 -0.69 -7.95
CA TYR A 338 26.98 -1.91 -7.18
C TYR A 338 27.47 -3.15 -7.92
N LYS A 339 27.45 -3.09 -9.25
CA LYS A 339 27.99 -4.24 -10.04
C LYS A 339 29.49 -4.42 -9.80
N GLU A 340 30.25 -3.35 -9.64
CA GLU A 340 31.66 -3.49 -9.25
C GLU A 340 31.86 -4.07 -7.84
N ASN A 341 31.10 -3.59 -6.87
CA ASN A 341 31.02 -4.30 -5.53
C ASN A 341 30.76 -5.78 -5.68
N THR A 342 29.80 -6.12 -6.53
CA THR A 342 29.43 -7.51 -6.72
C THR A 342 30.69 -8.28 -7.22
N ASN A 343 31.46 -7.69 -8.15
CA ASN A 343 32.71 -8.35 -8.65
C ASN A 343 33.75 -8.60 -7.57
N ILE A 344 33.91 -7.61 -6.66
CA ILE A 344 34.84 -7.69 -5.55
C ILE A 344 34.44 -8.86 -4.69
N ILE A 345 33.14 -9.00 -4.41
CA ILE A 345 32.66 -10.12 -3.62
C ILE A 345 32.81 -11.49 -4.28
N ILE A 346 32.31 -11.64 -5.52
CA ILE A 346 32.58 -12.86 -6.33
C ILE A 346 34.05 -13.27 -6.27
N ASP A 347 34.96 -12.34 -6.56
CA ASP A 347 36.40 -12.68 -6.61
C ASP A 347 36.93 -13.22 -5.31
N THR A 348 36.51 -12.57 -4.22
CA THR A 348 36.83 -13.03 -2.89
C THR A 348 36.44 -14.48 -2.62
N PHE A 349 35.20 -14.83 -2.87
CA PHE A 349 34.82 -16.20 -2.58
C PHE A 349 35.41 -17.21 -3.54
N THR A 350 35.52 -16.82 -4.81
CA THR A 350 36.03 -17.73 -5.84
C THR A 350 37.51 -17.98 -5.50
N SER A 351 38.23 -16.91 -5.21
CA SER A 351 39.60 -17.07 -4.79
C SER A 351 39.73 -17.83 -3.47
N LEU A 352 38.70 -17.89 -2.63
CA LEU A 352 38.79 -18.69 -1.41
C LEU A 352 38.41 -20.13 -1.67
N GLY A 353 38.16 -20.48 -2.93
CA GLY A 353 37.72 -21.81 -3.37
C GLY A 353 36.25 -22.26 -3.22
N TYR A 354 35.32 -21.33 -3.00
CA TYR A 354 33.86 -21.66 -2.89
C TYR A 354 33.25 -21.78 -4.26
N ASP A 355 32.18 -22.60 -4.40
CA ASP A 355 31.27 -22.46 -5.55
C ASP A 355 30.40 -21.26 -5.26
N VAL A 356 30.57 -20.25 -6.10
CA VAL A 356 29.92 -18.95 -5.98
C VAL A 356 29.00 -18.83 -7.17
N TYR A 357 27.73 -18.49 -6.94
CA TYR A 357 26.73 -18.32 -8.01
C TYR A 357 26.13 -16.89 -8.02
N GLY A 358 25.35 -16.56 -9.04
CA GLY A 358 24.84 -15.17 -9.19
C GLY A 358 25.97 -14.17 -9.42
N GLY A 359 25.77 -12.91 -9.04
CA GLY A 359 26.81 -11.92 -9.18
C GLY A 359 26.91 -11.36 -10.59
N LYS A 360 26.62 -12.16 -11.58
CA LYS A 360 26.82 -11.70 -12.99
C LYS A 360 25.76 -10.71 -13.38
N ASN A 361 24.52 -11.06 -13.07
CA ASN A 361 23.35 -10.32 -13.53
C ASN A 361 22.52 -9.70 -12.40
N ALA A 362 23.09 -9.57 -11.21
CA ALA A 362 22.26 -9.26 -10.04
C ALA A 362 23.24 -8.84 -8.97
N PRO A 363 22.82 -7.93 -8.03
CA PRO A 363 23.70 -7.45 -6.94
C PRO A 363 23.76 -8.42 -5.75
N TYR A 364 23.42 -9.69 -5.98
CA TYR A 364 23.50 -10.77 -4.97
C TYR A 364 24.54 -11.79 -5.42
N VAL A 365 25.29 -12.32 -4.45
CA VAL A 365 26.19 -13.43 -4.66
C VAL A 365 25.64 -14.58 -3.82
N TRP A 366 25.46 -15.74 -4.44
CA TRP A 366 24.80 -16.88 -3.79
C TRP A 366 25.91 -17.92 -3.52
N VAL A 367 26.35 -18.04 -2.26
CA VAL A 367 27.58 -18.80 -2.03
C VAL A 367 27.21 -20.15 -1.47
N HIS A 368 27.82 -21.19 -2.05
CA HIS A 368 27.52 -22.59 -1.65
C HIS A 368 28.38 -23.01 -0.46
N PHE A 369 27.73 -23.35 0.65
CA PHE A 369 28.38 -23.79 1.91
C PHE A 369 27.84 -25.20 2.16
N PRO A 370 28.30 -26.18 1.38
CA PRO A 370 27.65 -27.50 1.46
C PRO A 370 27.95 -28.23 2.80
N ASN A 371 27.02 -29.08 3.21
CA ASN A 371 27.20 -29.85 4.43
C ASN A 371 27.12 -28.99 5.74
N GLN A 372 26.61 -27.75 5.66
CA GLN A 372 26.30 -26.93 6.83
C GLN A 372 24.91 -26.39 6.70
N SER A 373 24.28 -26.04 7.82
CA SER A 373 23.01 -25.35 7.74
C SER A 373 23.34 -23.89 7.51
N SER A 374 22.59 -23.26 6.62
CA SER A 374 22.85 -21.87 6.31
C SER A 374 22.67 -20.94 7.52
N TRP A 375 21.73 -21.26 8.42
CA TRP A 375 21.58 -20.49 9.67
C TRP A 375 22.83 -20.55 10.50
N ASP A 376 23.50 -21.72 10.48
CA ASP A 376 24.78 -21.87 11.18
C ASP A 376 25.89 -21.10 10.52
N VAL A 377 25.92 -21.11 9.17
CA VAL A 377 26.94 -20.31 8.48
C VAL A 377 26.68 -18.83 8.77
N PHE A 378 25.41 -18.46 8.78
CA PHE A 378 25.07 -17.07 9.07
C PHE A 378 25.58 -16.68 10.47
N ALA A 379 25.26 -17.52 11.48
CA ALA A 379 25.67 -17.27 12.87
C ALA A 379 27.19 -17.22 12.96
N GLU A 380 27.85 -18.14 12.26
CA GLU A 380 29.31 -18.16 12.29
C GLU A 380 30.00 -16.88 11.74
N ILE A 381 29.61 -16.47 10.53
CA ILE A 381 30.12 -15.26 9.89
C ILE A 381 29.87 -14.01 10.74
N LEU A 382 28.63 -13.87 11.20
CA LEU A 382 28.22 -12.79 12.10
C LEU A 382 29.15 -12.81 13.35
N GLU A 383 29.19 -13.97 14.01
CA GLU A 383 29.96 -14.18 15.25
C GLU A 383 31.41 -13.73 15.07
N LYS A 384 32.06 -14.18 14.01
CA LYS A 384 33.51 -14.01 13.87
C LYS A 384 33.98 -12.83 13.07
N THR A 385 33.12 -12.29 12.18
CA THR A 385 33.58 -11.19 11.28
C THR A 385 32.75 -9.91 11.43
N HIS A 386 31.65 -10.00 12.19
CA HIS A 386 30.72 -8.87 12.36
C HIS A 386 30.07 -8.45 11.03
N VAL A 387 30.00 -9.41 10.09
CA VAL A 387 29.34 -9.17 8.80
C VAL A 387 28.02 -9.92 8.82
N VAL A 388 26.94 -9.17 8.55
CA VAL A 388 25.59 -9.77 8.42
C VAL A 388 25.41 -10.23 6.96
N THR A 389 24.92 -11.46 6.80
CA THR A 389 24.56 -12.02 5.51
C THR A 389 23.12 -12.53 5.64
N THR A 390 22.61 -13.25 4.64
CA THR A 390 21.27 -13.78 4.71
C THR A 390 21.34 -15.30 4.49
N PRO A 391 20.86 -16.09 5.48
CA PRO A 391 20.90 -17.55 5.35
C PRO A 391 19.98 -17.99 4.22
N GLY A 392 20.50 -18.85 3.37
CA GLY A 392 19.70 -19.38 2.27
C GLY A 392 18.36 -19.96 2.64
N SER A 393 18.28 -20.65 3.78
CA SER A 393 17.04 -21.31 4.20
C SER A 393 15.92 -20.28 4.51
N GLY A 394 16.28 -19.02 4.79
CA GLY A 394 15.25 -17.97 4.81
C GLY A 394 14.50 -17.77 3.49
N PHE A 395 14.93 -18.39 2.40
CA PHE A 395 14.24 -18.19 1.16
C PHE A 395 13.57 -19.49 0.73
N GLY A 396 13.37 -20.41 1.66
CA GLY A 396 12.79 -21.72 1.31
C GLY A 396 13.79 -22.88 1.46
N PRO A 397 13.24 -24.11 1.46
CA PRO A 397 14.04 -25.29 1.68
C PRO A 397 15.12 -25.42 0.55
N GLY A 398 14.84 -24.89 -0.66
CA GLY A 398 15.83 -24.90 -1.75
C GLY A 398 17.07 -24.01 -1.51
N GLY A 399 17.00 -23.10 -0.54
CA GLY A 399 18.13 -22.25 -0.23
C GLY A 399 19.06 -22.85 0.81
N GLU A 400 18.67 -23.93 1.47
CA GLU A 400 19.51 -24.57 2.48
C GLU A 400 20.89 -24.98 1.88
N GLY A 401 21.97 -24.79 2.61
CA GLY A 401 23.30 -25.03 2.05
C GLY A 401 23.92 -23.81 1.38
N PHE A 402 23.20 -22.68 1.34
CA PHE A 402 23.75 -21.45 0.69
C PHE A 402 23.59 -20.27 1.59
N VAL A 403 24.38 -19.21 1.33
CA VAL A 403 24.22 -17.89 1.91
C VAL A 403 24.13 -16.87 0.77
N ARG A 404 23.16 -15.98 0.88
CA ARG A 404 23.12 -14.79 0.06
C ARG A 404 23.99 -13.69 0.67
N VAL A 405 24.88 -13.15 -0.13
CA VAL A 405 25.61 -11.94 0.21
C VAL A 405 25.23 -10.79 -0.74
N SER A 406 24.76 -9.68 -0.15
CA SER A 406 24.34 -8.48 -0.84
C SER A 406 25.52 -7.57 -1.15
N ALA A 407 25.56 -7.01 -2.36
CA ALA A 407 26.68 -6.17 -2.78
C ALA A 407 26.43 -4.68 -2.53
N PHE A 408 25.27 -4.32 -1.98
CA PHE A 408 24.98 -2.89 -1.69
C PHE A 408 25.77 -2.45 -0.47
N GLY A 409 26.65 -1.48 -0.61
CA GLY A 409 27.38 -0.94 0.53
C GLY A 409 28.35 0.08 -0.01
N HIS A 410 28.87 0.93 0.84
CA HIS A 410 29.96 1.83 0.40
C HIS A 410 31.16 1.00 0.05
N ARG A 411 31.99 1.50 -0.85
CA ARG A 411 33.10 0.69 -1.36
C ARG A 411 34.03 0.23 -0.25
N GLU A 412 34.37 1.12 0.67
CA GLU A 412 35.23 0.77 1.80
C GLU A 412 34.65 -0.40 2.63
N ASN A 413 33.33 -0.45 2.81
CA ASN A 413 32.71 -1.51 3.60
C ASN A 413 32.73 -2.86 2.93
N ILE A 414 32.60 -2.83 1.61
CA ILE A 414 32.64 -4.00 0.77
C ILE A 414 34.05 -4.55 0.88
N LEU A 415 35.03 -3.66 0.71
CA LEU A 415 36.45 -4.07 0.71
C LEU A 415 36.83 -4.68 2.08
N GLU A 416 36.38 -4.05 3.15
CA GLU A 416 36.62 -4.52 4.52
C GLU A 416 35.92 -5.84 4.85
N ALA A 417 34.66 -5.98 4.43
CA ALA A 417 33.97 -7.26 4.57
C ALA A 417 34.77 -8.40 3.91
N CYS A 418 35.28 -8.13 2.72
CA CYS A 418 35.96 -9.12 1.94
C CYS A 418 37.27 -9.50 2.60
N ARG A 419 38.03 -8.53 3.10
CA ARG A 419 39.20 -8.94 3.92
C ARG A 419 38.87 -9.75 5.19
N ARG A 420 37.76 -9.45 5.87
CA ARG A 420 37.24 -10.29 6.95
C ARG A 420 36.86 -11.71 6.50
N PHE A 421 36.23 -11.83 5.34
CA PHE A 421 36.01 -13.16 4.75
C PHE A 421 37.31 -13.92 4.51
N LYS A 422 38.30 -13.22 3.95
CA LYS A 422 39.57 -13.84 3.59
C LYS A 422 40.27 -14.37 4.84
N GLN A 423 40.27 -13.58 5.91
CA GLN A 423 40.76 -14.01 7.21
C GLN A 423 39.97 -15.20 7.70
N LEU A 424 38.65 -15.07 7.81
CA LEU A 424 37.84 -16.19 8.27
C LEU A 424 38.10 -17.51 7.55
N TYR A 425 38.29 -17.47 6.24
CA TYR A 425 38.16 -18.71 5.46
C TYR A 425 39.44 -19.21 4.78
N LYS A 426 40.57 -18.55 5.02
CA LYS A 426 41.84 -18.95 4.41
C LYS A 426 42.25 -20.46 4.59
N HIS A 427 41.92 -21.10 5.73
CA HIS A 427 42.21 -22.57 5.95
C HIS A 427 41.08 -23.56 5.59
N HIS A 428 40.10 -23.15 4.79
CA HIS A 428 38.99 -24.07 4.40
C HIS A 428 39.28 -24.83 3.07
N HIS A 429 40.25 -24.30 2.34
CA HIS A 429 40.50 -24.60 0.94
C HIS A 429 41.98 -24.21 0.68
N HIS A 430 42.71 -24.89 -0.23
CA HIS A 430 42.21 -25.91 -1.18
C HIS A 430 41.04 -25.41 -2.09
N GLU B 19 -9.60 -16.17 -29.41
CA GLU B 19 -8.89 -15.50 -28.28
C GLU B 19 -8.53 -16.42 -27.08
N TYR B 20 -7.27 -16.35 -26.69
CA TYR B 20 -6.80 -17.16 -25.59
C TYR B 20 -7.28 -16.64 -24.22
N LYS B 21 -7.63 -17.60 -23.34
CA LYS B 21 -7.95 -17.33 -21.91
C LYS B 21 -7.20 -18.33 -21.07
N THR B 22 -6.77 -17.90 -19.88
CA THR B 22 -6.12 -18.75 -18.95
C THR B 22 -7.20 -19.61 -18.38
N LYS B 23 -6.79 -20.52 -17.54
CA LYS B 23 -7.73 -21.26 -16.76
C LYS B 23 -7.73 -20.83 -15.31
N VAL B 24 -7.30 -19.59 -15.03
CA VAL B 24 -7.45 -19.13 -13.66
C VAL B 24 -8.87 -18.61 -13.48
N SER B 25 -9.57 -19.12 -12.46
CA SER B 25 -10.93 -18.61 -12.17
C SER B 25 -10.88 -17.16 -11.61
N ARG B 26 -11.69 -16.24 -12.16
CA ARG B 26 -11.78 -14.91 -11.55
C ARG B 26 -12.14 -15.01 -10.05
N ASN B 27 -11.54 -14.16 -9.21
CA ASN B 27 -11.88 -14.13 -7.78
C ASN B 27 -13.37 -13.85 -7.68
N SER B 28 -14.09 -14.72 -7.01
CA SER B 28 -15.55 -14.55 -7.00
C SER B 28 -16.00 -13.39 -6.10
N ASN B 29 -15.10 -12.94 -5.21
CA ASN B 29 -15.40 -11.74 -4.38
C ASN B 29 -15.35 -10.48 -5.22
N MET B 30 -14.47 -10.48 -6.22
CA MET B 30 -14.43 -9.38 -7.21
C MET B 30 -15.73 -9.34 -8.02
N SER B 31 -16.30 -10.50 -8.35
CA SER B 31 -17.59 -10.55 -9.12
C SER B 31 -18.74 -10.02 -8.32
N LYS B 32 -18.65 -10.16 -7.01
CA LYS B 32 -19.73 -9.69 -6.14
C LYS B 32 -20.01 -8.21 -6.28
N LEU B 33 -18.97 -7.42 -6.48
CA LEU B 33 -19.03 -5.97 -6.43
C LEU B 33 -20.01 -5.44 -7.46
N GLN B 34 -20.86 -4.50 -7.07
CA GLN B 34 -22.00 -4.09 -7.90
C GLN B 34 -21.64 -3.24 -9.08
N ALA B 35 -20.74 -2.29 -8.87
CA ALA B 35 -20.36 -1.33 -9.93
C ALA B 35 -18.90 -1.05 -9.64
N GLY B 36 -18.28 -0.13 -10.40
CA GLY B 36 -16.94 0.32 -10.05
C GLY B 36 -16.95 1.08 -8.71
N TYR B 37 -15.77 1.44 -8.22
CA TYR B 37 -15.65 2.27 -7.03
C TYR B 37 -16.30 3.68 -7.28
N LEU B 38 -16.97 4.22 -6.25
CA LEU B 38 -17.82 5.39 -6.41
C LEU B 38 -17.05 6.57 -7.06
N PHE B 39 -15.92 6.93 -6.48
CA PHE B 39 -15.24 8.13 -6.93
C PHE B 39 -14.70 8.13 -8.34
N PRO B 40 -14.01 7.04 -8.76
CA PRO B 40 -13.74 6.90 -10.21
C PRO B 40 -14.96 7.03 -11.15
N GLU B 41 -16.12 6.48 -10.78
CA GLU B 41 -17.37 6.60 -11.53
C GLU B 41 -17.84 8.05 -11.71
N ILE B 42 -17.73 8.84 -10.65
CA ILE B 42 -17.95 10.28 -10.70
C ILE B 42 -16.90 10.97 -11.60
N ALA B 43 -15.61 10.63 -11.45
CA ALA B 43 -14.60 11.26 -12.30
C ALA B 43 -14.88 10.99 -13.79
N ARG B 44 -15.48 9.84 -14.05
CA ARG B 44 -15.83 9.39 -15.36
C ARG B 44 -17.01 10.19 -15.94
N ARG B 45 -17.97 10.55 -15.11
CA ARG B 45 -19.10 11.37 -15.58
C ARG B 45 -18.73 12.82 -15.81
N ARG B 46 -17.76 13.26 -15.02
CA ARG B 46 -17.16 14.55 -15.16
C ARG B 46 -16.43 14.58 -16.50
N SER B 47 -15.68 13.52 -16.81
CA SER B 47 -14.96 13.47 -18.08
C SER B 47 -15.83 13.50 -19.30
N ALA B 48 -16.91 12.75 -19.25
CA ALA B 48 -17.93 12.71 -20.30
C ALA B 48 -18.62 14.06 -20.47
N HIS B 49 -18.76 14.78 -19.36
CA HIS B 49 -19.46 16.04 -19.40
C HIS B 49 -18.57 17.02 -20.16
N LEU B 50 -17.29 17.02 -19.84
CA LEU B 50 -16.28 17.80 -20.51
C LEU B 50 -16.12 17.41 -21.99
N LEU B 51 -16.19 16.13 -22.33
CA LEU B 51 -16.35 15.81 -23.74
C LEU B 51 -17.60 16.44 -24.40
N LYS B 52 -18.76 16.32 -23.75
CA LYS B 52 -19.99 16.86 -24.27
C LYS B 52 -19.85 18.39 -24.44
N TYR B 53 -19.16 19.04 -23.50
CA TYR B 53 -19.03 20.51 -23.43
C TYR B 53 -17.60 20.91 -23.10
N PRO B 54 -16.72 20.89 -24.12
CA PRO B 54 -15.31 21.05 -23.84
C PRO B 54 -14.94 22.38 -23.18
N ASP B 55 -15.82 23.40 -23.28
CA ASP B 55 -15.53 24.72 -22.72
C ASP B 55 -16.25 25.02 -21.39
N ALA B 56 -16.92 24.00 -20.84
CA ALA B 56 -17.62 24.14 -19.55
C ALA B 56 -16.61 24.51 -18.46
N GLN B 57 -16.95 25.50 -17.65
CA GLN B 57 -16.09 25.81 -16.52
C GLN B 57 -16.62 24.94 -15.36
N VAL B 58 -16.05 23.76 -15.25
CA VAL B 58 -16.52 22.78 -14.26
C VAL B 58 -15.97 23.09 -12.86
N ILE B 59 -16.87 23.05 -11.86
CA ILE B 59 -16.46 23.15 -10.46
C ILE B 59 -16.63 21.83 -9.74
N SER B 60 -15.54 21.33 -9.15
CA SER B 60 -15.57 19.97 -8.58
C SER B 60 -15.81 20.02 -7.09
N LEU B 61 -17.01 19.64 -6.67
CA LEU B 61 -17.35 19.51 -5.25
C LEU B 61 -17.84 18.06 -4.90
N GLY B 62 -17.32 17.07 -5.63
CA GLY B 62 -17.73 15.69 -5.51
C GLY B 62 -16.77 14.99 -4.55
N ILE B 63 -15.70 14.42 -5.08
CA ILE B 63 -14.64 13.81 -4.25
C ILE B 63 -14.13 14.88 -3.29
N GLY B 64 -13.84 14.50 -2.06
CA GLY B 64 -13.42 15.48 -1.04
C GLY B 64 -11.93 15.68 -1.15
N ASP B 65 -11.55 16.39 -2.21
CA ASP B 65 -10.16 16.61 -2.50
C ASP B 65 -9.81 18.04 -2.12
N THR B 66 -8.77 18.17 -1.30
CA THR B 66 -8.26 19.45 -0.85
C THR B 66 -7.69 20.22 -2.02
N THR B 67 -7.75 21.55 -1.96
CA THR B 67 -7.42 22.42 -3.09
C THR B 67 -6.38 23.48 -2.76
N GLU B 68 -6.24 23.82 -1.47
CA GLU B 68 -5.38 24.89 -1.10
C GLU B 68 -3.96 24.35 -0.93
N PRO B 69 -2.91 25.21 -1.21
CA PRO B 69 -1.50 24.79 -1.10
C PRO B 69 -1.14 24.29 0.30
N ILE B 70 -0.20 23.34 0.34
CA ILE B 70 0.40 22.94 1.60
C ILE B 70 1.25 24.10 2.18
N PRO B 71 1.20 24.28 3.52
CA PRO B 71 2.00 25.38 4.10
C PRO B 71 3.50 25.16 3.85
N GLU B 72 4.17 26.26 3.58
CA GLU B 72 5.62 26.27 3.35
C GLU B 72 6.48 25.59 4.39
N VAL B 73 6.11 25.73 5.66
CA VAL B 73 6.91 25.08 6.72
C VAL B 73 6.91 23.56 6.52
N ILE B 74 5.81 23.04 5.98
CA ILE B 74 5.70 21.61 5.69
C ILE B 74 6.40 21.17 4.40
N THR B 75 6.21 21.92 3.31
CA THR B 75 6.85 21.58 2.04
C THR B 75 8.35 21.81 2.10
N SER B 76 8.77 22.80 2.87
CA SER B 76 10.18 23.02 3.09
C SER B 76 10.87 21.86 3.69
N ALA B 77 10.24 21.23 4.69
CA ALA B 77 10.77 20.02 5.32
C ALA B 77 10.91 18.85 4.34
N MET B 78 9.95 18.75 3.42
CA MET B 78 9.91 17.66 2.43
C MET B 78 11.03 17.87 1.42
N ALA B 79 11.16 19.12 0.94
CA ALA B 79 12.25 19.50 0.02
C ALA B 79 13.63 19.27 0.62
N LYS B 80 13.74 19.53 1.91
CA LYS B 80 15.01 19.37 2.62
C LYS B 80 15.34 17.92 2.68
N LYS B 81 14.34 17.09 3.00
CA LYS B 81 14.59 15.66 3.03
C LYS B 81 15.02 15.12 1.64
N ALA B 82 14.35 15.58 0.57
CA ALA B 82 14.77 15.21 -0.80
C ALA B 82 16.23 15.57 -1.05
N HIS B 83 16.64 16.79 -0.70
CA HIS B 83 18.06 17.17 -0.92
C HIS B 83 19.00 16.29 -0.11
N GLU B 84 18.69 16.05 1.17
CA GLU B 84 19.51 15.18 2.00
C GLU B 84 19.73 13.80 1.39
N LEU B 85 18.75 13.32 0.64
CA LEU B 85 18.84 11.98 0.04
C LEU B 85 19.94 11.92 -1.02
N SER B 86 20.32 13.07 -1.52
CA SER B 86 21.46 13.05 -2.42
C SER B 86 22.83 13.29 -1.75
N THR B 87 22.96 13.16 -0.42
CA THR B 87 24.26 13.38 0.26
C THR B 87 24.65 12.07 0.94
N ILE B 88 25.93 11.85 1.24
CA ILE B 88 26.40 10.56 1.88
C ILE B 88 25.71 10.38 3.22
N GLU B 89 25.72 11.45 3.95
CA GLU B 89 25.33 11.46 5.33
C GLU B 89 23.80 11.46 5.46
N GLY B 90 23.09 12.18 4.59
CA GLY B 90 21.63 12.21 4.71
C GLY B 90 20.80 11.17 3.97
N TYR B 91 21.45 10.25 3.23
CA TYR B 91 20.71 9.24 2.47
C TYR B 91 20.15 8.21 3.44
N SER B 92 18.91 7.77 3.22
CA SER B 92 18.43 6.60 3.92
C SER B 92 17.61 5.76 2.94
N GLY B 93 17.75 4.44 3.07
CA GLY B 93 16.98 3.46 2.29
C GLY B 93 15.73 3.04 2.99
N TYR B 94 15.52 1.71 3.11
CA TYR B 94 14.32 1.18 3.77
C TYR B 94 14.15 1.75 5.21
N GLY B 95 12.95 2.20 5.62
CA GLY B 95 12.77 2.51 7.03
C GLY B 95 11.99 1.39 7.71
N ALA B 96 11.71 1.50 9.02
CA ALA B 96 10.81 0.52 9.70
C ALA B 96 9.44 0.59 9.02
N GLU B 97 8.81 -0.55 8.71
CA GLU B 97 7.47 -0.52 8.04
C GLU B 97 6.42 0.17 8.91
N GLN B 98 6.62 0.12 10.25
CA GLN B 98 5.80 0.90 11.25
C GLN B 98 5.95 2.45 11.20
N GLY B 99 7.04 2.96 10.65
CA GLY B 99 7.27 4.39 10.54
C GLY B 99 8.41 4.84 11.40
N ALA B 100 8.99 5.99 11.09
CA ALA B 100 10.10 6.57 11.89
C ALA B 100 9.64 6.74 13.35
N LYS B 101 10.48 6.35 14.29
CA LYS B 101 10.17 6.43 15.71
C LYS B 101 9.78 7.86 16.17
N PRO B 102 10.51 8.95 15.74
CA PRO B 102 10.13 10.28 16.12
C PRO B 102 8.77 10.64 15.59
N LEU B 103 8.39 10.09 14.44
CA LEU B 103 7.06 10.36 13.88
C LEU B 103 5.97 9.57 14.69
N ARG B 104 6.26 8.32 15.04
CA ARG B 104 5.30 7.60 15.89
C ARG B 104 5.10 8.31 17.26
N ALA B 105 6.20 8.84 17.80
CA ALA B 105 6.24 9.60 19.06
C ALA B 105 5.45 10.90 18.92
N ALA B 106 5.64 11.65 17.83
CA ALA B 106 4.89 12.88 17.64
C ALA B 106 3.38 12.69 17.51
N ILE B 107 2.97 11.69 16.73
CA ILE B 107 1.54 11.34 16.60
C ILE B 107 0.98 10.89 17.94
N ALA B 108 1.69 10.02 18.66
CA ALA B 108 1.15 9.46 19.92
C ALA B 108 0.94 10.63 20.90
N LYS B 109 1.91 11.52 20.98
CA LYS B 109 1.75 12.55 21.97
C LYS B 109 0.82 13.68 21.49
N THR B 110 0.85 14.04 20.20
CA THR B 110 0.06 15.18 19.71
C THR B 110 -1.43 14.88 19.77
N PHE B 111 -1.82 13.69 19.30
CA PHE B 111 -3.23 13.37 19.16
C PHE B 111 -3.77 12.50 20.28
N TYR B 112 -2.90 11.82 21.02
CA TYR B 112 -3.38 10.95 22.09
C TYR B 112 -2.70 11.19 23.45
N GLY B 113 -2.04 12.33 23.63
CA GLY B 113 -1.28 12.59 24.95
C GLY B 113 -2.28 12.44 26.10
N GLY B 114 -1.99 11.62 27.12
CA GLY B 114 -2.95 11.46 28.23
C GLY B 114 -3.99 10.36 28.01
N LEU B 115 -3.96 9.67 26.85
CA LEU B 115 -4.96 8.62 26.55
C LEU B 115 -4.38 7.22 26.63
N GLY B 116 -3.15 7.12 27.13
CA GLY B 116 -2.53 5.82 27.36
C GLY B 116 -2.00 5.16 26.09
N ILE B 117 -1.71 5.97 25.06
CA ILE B 117 -1.18 5.44 23.78
C ILE B 117 0.36 5.52 23.71
N GLY B 118 1.02 4.39 23.49
CA GLY B 118 2.46 4.36 23.38
C GLY B 118 2.91 4.54 21.94
N ASP B 119 4.19 4.88 21.77
CA ASP B 119 4.77 5.12 20.43
C ASP B 119 4.65 3.87 19.58
N ASP B 120 4.82 2.72 20.23
CA ASP B 120 4.77 1.43 19.54
C ASP B 120 3.35 0.95 19.14
N ASP B 121 2.29 1.65 19.57
CA ASP B 121 0.88 1.36 19.18
C ASP B 121 0.48 2.07 17.86
N VAL B 122 1.34 2.99 17.40
CA VAL B 122 1.11 3.81 16.16
C VAL B 122 1.85 3.11 15.00
N PHE B 123 1.18 2.99 13.86
CA PHE B 123 1.70 2.42 12.68
C PHE B 123 1.45 3.46 11.61
N VAL B 124 2.53 4.00 11.05
CA VAL B 124 2.43 5.07 10.01
C VAL B 124 2.17 4.44 8.61
N SER B 125 1.19 4.95 7.90
CA SER B 125 0.81 4.37 6.61
C SER B 125 0.97 5.44 5.53
N ASP B 126 0.64 5.03 4.29
CA ASP B 126 0.55 5.93 3.15
C ASP B 126 -0.91 6.37 2.99
N GLY B 127 -1.72 6.30 4.06
CA GLY B 127 -3.07 6.85 4.03
C GLY B 127 -4.12 5.89 4.57
N ALA B 128 -5.29 6.47 4.90
CA ALA B 128 -6.31 5.75 5.62
C ALA B 128 -6.94 4.72 4.73
N LYS B 129 -7.09 4.98 3.43
CA LYS B 129 -7.77 4.03 2.57
C LYS B 129 -6.96 2.70 2.52
N CYS B 130 -5.64 2.84 2.49
CA CYS B 130 -4.69 1.76 2.50
C CYS B 130 -4.73 0.95 3.81
N ASP B 131 -4.74 1.66 4.94
CA ASP B 131 -4.94 1.00 6.25
C ASP B 131 -6.22 0.22 6.36
N ILE B 132 -7.31 0.81 5.89
CA ILE B 132 -8.58 0.11 5.92
C ILE B 132 -8.47 -1.22 5.19
N SER B 133 -7.77 -1.27 4.06
CA SER B 133 -7.70 -2.54 3.35
C SER B 133 -6.69 -3.49 3.99
N ARG B 134 -5.64 -2.94 4.57
CA ARG B 134 -4.69 -3.79 5.25
C ARG B 134 -5.28 -4.38 6.51
N LEU B 135 -6.02 -3.57 7.28
CA LEU B 135 -6.80 -4.14 8.40
C LEU B 135 -7.69 -5.26 7.92
N GLN B 136 -8.34 -5.05 6.79
CA GLN B 136 -9.22 -6.10 6.26
C GLN B 136 -8.52 -7.40 5.81
N VAL B 137 -7.33 -7.29 5.21
CA VAL B 137 -6.50 -8.51 4.97
C VAL B 137 -6.25 -9.23 6.30
N MET B 138 -5.90 -8.43 7.28
CA MET B 138 -5.59 -8.90 8.64
C MET B 138 -6.79 -9.57 9.28
N PHE B 139 -7.95 -8.92 9.34
CA PHE B 139 -9.11 -9.59 9.89
C PHE B 139 -9.44 -10.90 9.09
N GLY B 140 -9.38 -10.83 7.76
CA GLY B 140 -9.66 -11.98 6.92
C GLY B 140 -11.13 -12.15 6.58
N SER B 141 -11.46 -13.26 5.93
CA SER B 141 -12.76 -13.42 5.30
C SER B 141 -13.84 -13.94 6.25
N ASN B 142 -13.43 -14.41 7.41
CA ASN B 142 -14.34 -15.09 8.38
C ASN B 142 -15.02 -14.14 9.39
N VAL B 143 -14.72 -12.85 9.30
CA VAL B 143 -15.36 -11.86 10.21
C VAL B 143 -16.58 -11.26 9.55
N THR B 144 -17.51 -10.77 10.37
CA THR B 144 -18.70 -10.05 9.90
C THR B 144 -18.54 -8.60 10.31
N ILE B 145 -19.04 -7.67 9.49
CA ILE B 145 -18.89 -6.29 9.84
C ILE B 145 -20.22 -5.53 9.95
N ALA B 146 -20.16 -4.42 10.65
CA ALA B 146 -21.26 -3.46 10.68
C ALA B 146 -20.67 -2.17 10.22
N VAL B 147 -21.45 -1.41 9.48
CA VAL B 147 -21.09 -0.02 9.11
C VAL B 147 -22.26 0.89 9.35
N GLN B 148 -21.98 2.21 9.50
CA GLN B 148 -23.03 3.21 9.43
C GLN B 148 -23.65 3.25 8.06
N ASP B 149 -24.92 3.57 8.02
CA ASP B 149 -25.59 3.68 6.77
C ASP B 149 -26.28 5.05 6.79
N PRO B 150 -25.81 6.01 6.00
CA PRO B 150 -24.72 6.01 5.03
C PRO B 150 -23.31 6.05 5.64
N SER B 151 -22.33 5.55 4.90
CA SER B 151 -20.94 5.97 5.16
C SER B 151 -20.04 5.73 3.96
N TYR B 152 -18.85 6.27 4.11
CA TYR B 152 -17.73 6.12 3.21
C TYR B 152 -17.64 4.70 2.65
N PRO B 153 -17.70 4.58 1.29
CA PRO B 153 -17.86 3.24 0.71
C PRO B 153 -16.71 2.32 0.74
N ALA B 154 -15.52 2.78 1.11
CA ALA B 154 -14.42 1.86 1.18
C ALA B 154 -14.62 0.74 2.21
N TYR B 155 -15.38 0.97 3.28
CA TYR B 155 -15.53 -0.08 4.32
C TYR B 155 -16.26 -1.25 3.72
N VAL B 156 -17.40 -0.99 3.12
CA VAL B 156 -18.21 -2.03 2.49
C VAL B 156 -17.45 -2.72 1.34
N ASP B 157 -16.83 -1.92 0.48
CA ASP B 157 -16.14 -2.53 -0.65
C ASP B 157 -14.97 -3.41 -0.27
N SER B 158 -14.15 -2.96 0.68
CA SER B 158 -13.01 -3.81 1.18
C SER B 158 -13.55 -5.12 1.75
N SER B 159 -14.72 -5.04 2.40
CA SER B 159 -15.29 -6.21 3.07
C SER B 159 -15.78 -7.25 2.01
N VAL B 160 -16.38 -6.71 0.95
CA VAL B 160 -16.78 -7.51 -0.21
C VAL B 160 -15.59 -8.17 -0.86
N ILE B 161 -14.52 -7.38 -1.10
CA ILE B 161 -13.27 -7.87 -1.69
C ILE B 161 -12.66 -8.98 -0.86
N MET B 162 -12.71 -8.84 0.47
CA MET B 162 -12.10 -9.82 1.34
C MET B 162 -12.94 -11.09 1.59
N GLY B 163 -14.17 -11.17 1.07
CA GLY B 163 -14.95 -12.42 1.14
C GLY B 163 -15.82 -12.48 2.39
N GLN B 164 -16.02 -11.32 3.01
CA GLN B 164 -16.77 -11.23 4.27
C GLN B 164 -18.29 -11.12 4.05
N THR B 165 -18.74 -11.18 2.80
CA THR B 165 -20.11 -10.81 2.47
C THR B 165 -20.78 -11.82 1.53
N GLY B 166 -22.09 -11.66 1.37
CA GLY B 166 -22.80 -12.28 0.27
C GLY B 166 -22.89 -11.37 -0.92
N GLN B 167 -23.80 -11.70 -1.84
CA GLN B 167 -23.99 -10.92 -3.05
C GLN B 167 -24.75 -9.64 -2.77
N PHE B 168 -24.79 -8.78 -3.77
CA PHE B 168 -25.54 -7.56 -3.68
C PHE B 168 -27.01 -7.81 -3.96
N ASN B 169 -27.87 -7.37 -3.04
CA ASN B 169 -29.33 -7.51 -3.14
C ASN B 169 -29.92 -6.21 -3.61
N THR B 170 -30.40 -6.18 -4.86
CA THR B 170 -30.83 -4.93 -5.50
C THR B 170 -32.20 -4.43 -5.00
N ASP B 171 -32.99 -5.29 -4.40
CA ASP B 171 -34.22 -4.87 -3.72
C ASP B 171 -33.93 -3.88 -2.58
N VAL B 172 -32.98 -4.25 -1.71
CA VAL B 172 -32.64 -3.45 -0.54
C VAL B 172 -31.41 -2.59 -0.75
N GLN B 173 -30.72 -2.80 -1.87
CA GLN B 173 -29.46 -2.14 -2.12
C GLN B 173 -28.37 -2.39 -1.05
N LYS B 174 -28.26 -3.61 -0.55
CA LYS B 174 -27.28 -3.98 0.46
C LYS B 174 -26.52 -5.26 0.04
N TYR B 175 -25.24 -5.38 0.40
CA TYR B 175 -24.55 -6.63 0.23
C TYR B 175 -25.01 -7.49 1.40
N GLY B 176 -25.21 -8.78 1.12
CA GLY B 176 -25.46 -9.77 2.17
C GLY B 176 -24.43 -9.77 3.28
N ASN B 177 -24.91 -9.95 4.52
CA ASN B 177 -24.07 -10.32 5.68
C ASN B 177 -23.35 -9.11 6.28
N ILE B 178 -23.68 -7.91 5.82
CA ILE B 178 -23.26 -6.65 6.43
C ILE B 178 -24.42 -6.06 7.23
N GLU B 179 -24.11 -5.62 8.44
CA GLU B 179 -25.07 -4.94 9.32
C GLU B 179 -24.99 -3.45 9.00
N TYR B 180 -25.98 -2.99 8.26
CA TYR B 180 -26.12 -1.57 7.98
C TYR B 180 -26.87 -0.84 9.08
N MET B 181 -26.12 -0.14 9.91
CA MET B 181 -26.65 0.59 11.06
C MET B 181 -27.30 1.92 10.63
N ARG B 182 -28.60 2.02 10.77
CA ARG B 182 -29.38 3.10 10.18
C ARG B 182 -29.16 4.42 10.95
N CYS B 183 -28.71 5.43 10.19
CA CYS B 183 -28.40 6.77 10.65
C CYS B 183 -29.22 7.79 9.87
N THR B 184 -30.15 8.44 10.57
CA THR B 184 -31.13 9.31 9.97
C THR B 184 -31.15 10.70 10.62
N PRO B 185 -31.65 11.72 9.90
CA PRO B 185 -31.91 13.01 10.56
C PRO B 185 -32.70 12.79 11.85
N GLU B 186 -33.76 11.98 11.78
CA GLU B 186 -34.64 11.73 12.94
C GLU B 186 -33.86 11.21 14.17
N ASN B 187 -32.91 10.29 13.96
CA ASN B 187 -32.15 9.75 15.09
C ASN B 187 -30.86 10.51 15.39
N GLY B 188 -30.68 11.69 14.80
CA GLY B 188 -29.44 12.47 15.00
C GLY B 188 -28.23 11.85 14.29
N PHE B 189 -28.51 11.09 13.24
CA PHE B 189 -27.56 10.20 12.56
C PHE B 189 -26.74 9.35 13.50
N PHE B 190 -27.31 8.87 14.59
CA PHE B 190 -26.67 7.90 15.46
C PHE B 190 -27.62 6.71 15.54
N PRO B 191 -27.09 5.51 15.32
CA PRO B 191 -28.03 4.41 15.21
C PRO B 191 -28.63 3.97 16.53
N ASP B 192 -29.82 3.39 16.48
CA ASP B 192 -30.40 2.83 17.69
C ASP B 192 -29.76 1.46 17.91
N LEU B 193 -28.82 1.38 18.87
CA LEU B 193 -28.00 0.17 19.03
C LEU B 193 -28.73 -1.09 19.55
N SER B 194 -29.89 -0.88 20.16
CA SER B 194 -30.81 -2.00 20.50
C SER B 194 -31.29 -2.75 19.23
N THR B 195 -31.38 -2.04 18.10
CA THR B 195 -31.76 -2.66 16.81
C THR B 195 -30.56 -3.22 15.96
N VAL B 196 -29.33 -3.15 16.47
CA VAL B 196 -28.19 -3.45 15.62
C VAL B 196 -27.75 -4.81 16.00
N GLY B 197 -27.67 -5.70 15.01
CA GLY B 197 -27.19 -7.05 15.30
C GLY B 197 -25.72 -7.13 15.64
N ARG B 198 -25.34 -8.15 16.43
CA ARG B 198 -23.90 -8.47 16.69
C ARG B 198 -23.04 -8.79 15.43
N THR B 199 -21.88 -8.16 15.32
CA THR B 199 -20.88 -8.56 14.30
C THR B 199 -19.52 -8.59 15.00
N ASP B 200 -18.49 -9.05 14.29
CA ASP B 200 -17.15 -9.00 14.78
C ASP B 200 -16.58 -7.58 14.79
N ILE B 201 -16.74 -6.88 13.66
CA ILE B 201 -16.07 -5.58 13.43
C ILE B 201 -17.13 -4.54 13.27
N ILE B 202 -16.92 -3.34 13.84
CA ILE B 202 -17.86 -2.27 13.63
C ILE B 202 -17.03 -1.09 13.10
N PHE B 203 -17.28 -0.70 11.86
CA PHE B 203 -16.54 0.46 11.35
C PHE B 203 -17.36 1.66 11.68
N PHE B 204 -16.71 2.61 12.39
CA PHE B 204 -17.42 3.80 12.80
C PHE B 204 -16.60 5.06 12.49
N CYS B 205 -17.22 5.95 11.75
CA CYS B 205 -16.61 7.17 11.28
C CYS B 205 -17.24 8.40 11.99
N SER B 206 -16.42 9.20 12.66
CA SER B 206 -16.92 10.41 13.34
C SER B 206 -15.84 11.50 13.34
N PRO B 207 -16.13 12.72 12.80
CA PRO B 207 -17.30 13.17 12.06
C PRO B 207 -17.47 12.22 10.88
N ASN B 208 -18.69 11.75 10.69
CA ASN B 208 -19.06 10.86 9.62
C ASN B 208 -19.01 11.54 8.26
N ASN B 209 -18.47 10.79 7.30
CA ASN B 209 -18.63 11.06 5.88
C ASN B 209 -19.68 10.05 5.37
N PRO B 210 -20.82 10.51 4.78
CA PRO B 210 -21.17 11.79 4.21
C PRO B 210 -22.01 12.76 5.05
N THR B 211 -22.45 12.36 6.26
CA THR B 211 -23.45 13.17 6.98
C THR B 211 -22.89 14.36 7.73
N GLY B 212 -21.58 14.34 8.02
CA GLY B 212 -20.89 15.35 8.82
C GLY B 212 -21.11 15.18 10.31
N ALA B 213 -21.89 14.16 10.71
CA ALA B 213 -22.27 14.03 12.12
C ALA B 213 -21.14 13.51 13.02
N ALA B 214 -20.92 14.22 14.11
CA ALA B 214 -19.96 13.80 15.12
C ALA B 214 -20.71 13.25 16.33
N ALA B 215 -20.42 11.99 16.67
CA ALA B 215 -20.94 11.34 17.87
C ALA B 215 -20.47 12.09 19.13
N THR B 216 -21.43 12.33 20.01
CA THR B 216 -21.14 12.98 21.30
C THR B 216 -20.42 11.98 22.21
N ARG B 217 -19.86 12.50 23.31
CA ARG B 217 -19.29 11.63 24.36
C ARG B 217 -20.24 10.53 24.87
N GLU B 218 -21.50 10.87 25.09
CA GLU B 218 -22.47 9.90 25.56
C GLU B 218 -22.68 8.78 24.50
N GLN B 219 -22.76 9.20 23.23
CA GLN B 219 -23.00 8.24 22.10
C GLN B 219 -21.82 7.30 21.90
N LEU B 220 -20.61 7.84 21.92
CA LEU B 220 -19.45 6.94 21.85
C LEU B 220 -19.33 5.97 23.05
N THR B 221 -19.74 6.46 24.22
CA THR B 221 -19.77 5.61 25.44
C THR B 221 -20.72 4.43 25.21
N GLN B 222 -21.87 4.71 24.60
CA GLN B 222 -22.81 3.64 24.26
C GLN B 222 -22.18 2.67 23.25
N LEU B 223 -21.48 3.25 22.26
CA LEU B 223 -20.73 2.48 21.25
C LEU B 223 -19.72 1.51 21.88
N VAL B 224 -18.84 2.02 22.75
CA VAL B 224 -17.89 1.18 23.50
C VAL B 224 -18.58 0.10 24.37
N GLU B 225 -19.65 0.48 25.06
CA GLU B 225 -20.38 -0.46 25.90
C GLU B 225 -20.98 -1.61 25.04
N PHE B 226 -21.57 -1.24 23.91
CA PHE B 226 -22.08 -2.18 22.91
C PHE B 226 -20.98 -3.11 22.32
N ALA B 227 -19.88 -2.56 21.80
CA ALA B 227 -18.73 -3.40 21.45
C ALA B 227 -18.25 -4.32 22.59
N LYS B 228 -18.14 -3.78 23.80
CA LYS B 228 -17.72 -4.60 24.93
C LYS B 228 -18.71 -5.76 25.23
N LYS B 229 -20.01 -5.49 25.28
CA LYS B 229 -20.90 -6.65 25.51
C LYS B 229 -20.95 -7.70 24.38
N ASN B 230 -20.76 -7.23 23.14
CA ASN B 230 -20.78 -8.09 21.94
C ASN B 230 -19.41 -8.71 21.61
N GLY B 231 -18.37 -8.27 22.32
CA GLY B 231 -17.00 -8.69 22.10
C GLY B 231 -16.58 -8.35 20.66
N SER B 232 -16.98 -7.15 20.23
CA SER B 232 -16.63 -6.60 18.89
C SER B 232 -15.41 -5.74 18.92
N ILE B 233 -14.86 -5.50 17.71
CA ILE B 233 -13.73 -4.61 17.55
C ILE B 233 -14.29 -3.37 16.81
N ILE B 234 -14.06 -2.19 17.35
CA ILE B 234 -14.44 -0.94 16.65
C ILE B 234 -13.26 -0.44 15.81
N VAL B 235 -13.51 -0.19 14.53
CA VAL B 235 -12.51 0.51 13.73
C VAL B 235 -12.94 1.98 13.63
N TYR B 236 -12.27 2.87 14.36
CA TYR B 236 -12.76 4.25 14.46
C TYR B 236 -11.96 5.08 13.51
N ASP B 237 -12.66 5.72 12.57
CA ASP B 237 -12.03 6.54 11.54
C ASP B 237 -12.20 8.03 11.91
N SER B 238 -11.09 8.66 12.19
CA SER B 238 -11.11 10.04 12.71
C SER B 238 -10.54 11.00 11.66
N ALA B 239 -10.52 10.53 10.40
CA ALA B 239 -10.15 11.34 9.21
C ALA B 239 -10.48 12.84 9.30
N TYR B 240 -11.70 13.15 9.79
CA TYR B 240 -12.16 14.57 9.86
C TYR B 240 -12.16 15.21 11.25
N ALA B 241 -11.48 14.61 12.20
CA ALA B 241 -11.67 15.03 13.60
C ALA B 241 -11.20 16.48 13.80
N MET B 242 -10.21 16.90 13.02
CA MET B 242 -9.75 18.25 13.26
C MET B 242 -10.75 19.30 12.82
N TYR B 243 -11.83 18.88 12.14
CA TYR B 243 -12.94 19.77 11.80
C TYR B 243 -13.94 19.94 12.95
N MET B 244 -13.76 19.26 14.09
CA MET B 244 -14.75 19.37 15.19
C MET B 244 -14.93 20.85 15.62
N SER B 245 -16.17 21.33 15.69
CA SER B 245 -16.50 22.58 16.40
C SER B 245 -17.20 22.30 17.70
N ASP B 246 -18.15 21.37 17.70
CA ASP B 246 -18.86 20.99 18.89
C ASP B 246 -17.88 20.38 19.85
N ASP B 247 -18.20 20.41 21.14
CA ASP B 247 -17.30 19.84 22.14
C ASP B 247 -17.55 18.33 22.28
N ASN B 248 -16.98 17.57 21.34
CA ASN B 248 -17.16 16.10 21.27
C ASN B 248 -15.79 15.48 21.23
N PRO B 249 -15.66 14.21 21.67
CA PRO B 249 -14.31 13.61 21.57
C PRO B 249 -13.81 13.48 20.10
N ARG B 250 -12.50 13.68 19.93
CA ARG B 250 -11.86 13.55 18.65
C ARG B 250 -11.24 12.16 18.46
N SER B 251 -11.06 11.44 19.56
CA SER B 251 -10.49 10.07 19.50
C SER B 251 -11.38 9.15 20.29
N ILE B 252 -11.56 7.94 19.77
CA ILE B 252 -12.29 6.89 20.48
C ILE B 252 -11.63 6.59 21.83
N PHE B 253 -10.32 6.82 21.94
CA PHE B 253 -9.55 6.50 23.17
C PHE B 253 -9.82 7.44 24.36
N GLU B 254 -10.50 8.55 24.10
CA GLU B 254 -11.07 9.38 25.14
C GLU B 254 -12.21 8.68 25.95
N ILE B 255 -12.72 7.55 25.47
CA ILE B 255 -13.78 6.87 26.15
C ILE B 255 -13.11 5.74 26.97
N PRO B 256 -13.19 5.86 28.31
CA PRO B 256 -12.63 4.75 29.10
C PRO B 256 -13.11 3.36 28.68
N GLY B 257 -12.18 2.41 28.53
CA GLY B 257 -12.53 1.08 28.01
C GLY B 257 -12.41 0.88 26.49
N ALA B 258 -12.29 1.97 25.71
CA ALA B 258 -12.03 1.89 24.28
C ALA B 258 -10.79 1.00 24.02
N GLU B 259 -9.84 0.96 24.93
CA GLU B 259 -8.56 0.34 24.64
C GLU B 259 -8.69 -1.17 24.57
N GLU B 260 -9.83 -1.69 25.00
CA GLU B 260 -10.08 -3.15 25.02
C GLU B 260 -10.84 -3.66 23.80
N VAL B 261 -11.45 -2.72 23.06
CA VAL B 261 -12.40 -2.95 21.96
C VAL B 261 -12.21 -2.10 20.68
N ALA B 262 -11.30 -1.12 20.67
CA ALA B 262 -11.23 -0.23 19.58
C ALA B 262 -9.81 -0.05 19.05
N MET B 263 -9.71 0.17 17.73
CA MET B 263 -8.52 0.77 17.13
C MET B 263 -8.94 2.07 16.42
N GLU B 264 -7.99 2.94 16.06
CA GLU B 264 -8.31 4.16 15.31
C GLU B 264 -7.44 4.32 14.04
N THR B 265 -8.08 4.80 12.95
CA THR B 265 -7.37 5.10 11.70
C THR B 265 -7.55 6.58 11.38
N ALA B 266 -6.48 7.25 10.96
CA ALA B 266 -6.57 8.69 10.60
C ALA B 266 -5.58 9.00 9.47
N SER B 267 -5.47 10.26 9.07
CA SER B 267 -4.66 10.61 7.92
C SER B 267 -4.28 12.09 7.98
N PHE B 268 -3.11 12.46 7.41
CA PHE B 268 -2.80 13.85 7.09
C PHE B 268 -3.50 14.45 5.84
N SER B 269 -4.31 13.66 5.14
CA SER B 269 -4.93 14.10 3.90
C SER B 269 -5.76 15.37 4.16
N GLN B 270 -6.66 15.28 5.15
CA GLN B 270 -7.63 16.39 5.33
C GLN B 270 -7.11 17.50 6.21
N TYR B 271 -6.09 17.18 7.00
CA TYR B 271 -5.40 18.10 7.93
C TYR B 271 -4.33 18.94 7.26
N ALA B 272 -3.54 18.33 6.37
CA ALA B 272 -2.47 19.06 5.77
C ALA B 272 -2.56 19.12 4.25
N GLY B 273 -3.63 18.56 3.66
CA GLY B 273 -3.72 18.52 2.18
C GLY B 273 -2.79 17.48 1.60
N PHE B 274 -2.48 16.43 2.36
CA PHE B 274 -1.61 15.34 1.87
C PHE B 274 -2.34 14.29 1.05
N THR B 275 -3.46 14.67 0.45
CA THR B 275 -4.28 13.75 -0.38
C THR B 275 -3.41 13.09 -1.48
N GLY B 276 -2.42 13.83 -1.97
CA GLY B 276 -1.46 13.37 -2.98
C GLY B 276 -0.09 13.00 -2.45
N VAL B 277 0.23 13.49 -1.24
CA VAL B 277 1.53 13.22 -0.62
C VAL B 277 1.57 11.85 0.08
N ARG B 278 0.44 11.46 0.69
CA ARG B 278 0.17 10.12 1.20
C ARG B 278 0.81 9.84 2.59
N LEU B 279 0.04 10.07 3.65
CA LEU B 279 0.56 9.76 5.02
C LEU B 279 -0.64 9.74 5.98
N GLY B 280 -0.81 8.59 6.63
CA GLY B 280 -1.76 8.46 7.72
C GLY B 280 -1.13 7.58 8.80
N TRP B 281 -1.97 7.00 9.64
CA TRP B 281 -1.50 6.12 10.72
C TRP B 281 -2.70 5.35 11.24
N THR B 282 -2.44 4.19 11.86
CA THR B 282 -3.45 3.54 12.67
C THR B 282 -2.90 3.38 14.06
N VAL B 283 -3.76 3.56 15.05
CA VAL B 283 -3.40 3.22 16.45
C VAL B 283 -4.08 1.92 16.92
N ILE B 284 -3.31 0.93 17.37
CA ILE B 284 -3.92 -0.28 17.90
C ILE B 284 -3.43 -0.52 19.35
N PRO B 285 -4.32 -0.43 20.34
CA PRO B 285 -3.84 -0.44 21.73
C PRO B 285 -3.44 -1.84 22.22
N LYS B 286 -2.61 -1.85 23.26
CA LYS B 286 -2.04 -3.04 23.87
C LYS B 286 -3.12 -4.03 24.36
N LYS B 287 -4.22 -3.50 24.87
CA LYS B 287 -5.26 -4.35 25.49
C LYS B 287 -6.32 -4.87 24.51
N LEU B 288 -6.12 -4.60 23.20
CA LEU B 288 -7.02 -5.14 22.15
C LEU B 288 -6.62 -6.57 21.78
N LEU B 289 -7.44 -7.54 22.16
CA LEU B 289 -7.05 -8.98 21.99
C LEU B 289 -8.11 -9.79 21.25
N TYR B 290 -7.71 -10.72 20.42
CA TYR B 290 -8.62 -11.65 19.82
C TYR B 290 -9.13 -12.63 20.93
N SER B 291 -10.11 -13.48 20.62
CA SER B 291 -10.71 -14.39 21.60
C SER B 291 -9.74 -15.42 22.19
N ASP B 292 -8.68 -15.78 21.47
CA ASP B 292 -7.63 -16.64 22.04
C ASP B 292 -6.62 -15.82 22.84
N GLY B 293 -6.88 -14.54 23.07
CA GLY B 293 -5.94 -13.69 23.83
C GLY B 293 -4.81 -13.10 22.99
N PHE B 294 -4.75 -13.45 21.70
CA PHE B 294 -3.63 -12.94 20.88
C PHE B 294 -3.80 -11.42 20.63
N PRO B 295 -2.73 -10.61 20.84
CA PRO B 295 -2.85 -9.15 20.62
C PRO B 295 -3.00 -8.85 19.12
N VAL B 296 -4.06 -8.13 18.81
CA VAL B 296 -4.40 -7.78 17.44
C VAL B 296 -3.27 -6.95 16.79
N ALA B 297 -2.69 -5.99 17.54
CA ALA B 297 -1.57 -5.14 17.07
C ALA B 297 -0.43 -5.96 16.53
N LYS B 298 -0.22 -7.16 17.09
CA LYS B 298 0.86 -8.04 16.71
C LYS B 298 0.69 -8.69 15.36
N ASP B 299 -0.54 -9.08 15.02
CA ASP B 299 -0.91 -9.48 13.66
C ASP B 299 -0.85 -8.33 12.65
N PHE B 300 -1.28 -7.12 13.05
CA PHE B 300 -1.19 -5.93 12.14
C PHE B 300 0.26 -5.67 11.81
N ASN B 301 1.11 -5.77 12.82
CA ASN B 301 2.51 -5.62 12.57
C ASN B 301 3.03 -6.67 11.55
N ARG B 302 2.54 -7.91 11.64
CA ARG B 302 2.99 -8.94 10.67
C ARG B 302 2.51 -8.57 9.24
N ILE B 303 1.27 -8.11 9.08
CA ILE B 303 0.80 -7.64 7.80
C ILE B 303 1.66 -6.53 7.25
N ILE B 304 1.98 -5.58 8.10
CA ILE B 304 2.64 -4.37 7.72
C ILE B 304 4.09 -4.72 7.31
N CYS B 305 4.64 -5.80 7.88
CA CYS B 305 6.00 -6.25 7.54
C CYS B 305 5.99 -7.07 6.25
N THR B 306 4.89 -7.75 6.00
CA THR B 306 4.80 -8.60 4.84
C THR B 306 4.23 -7.94 3.58
N CYS B 307 3.28 -7.03 3.76
CA CYS B 307 2.51 -6.49 2.68
C CYS B 307 2.79 -5.01 2.38
N PHE B 308 3.75 -4.40 3.08
CA PHE B 308 3.99 -2.97 2.97
C PHE B 308 5.47 -2.72 3.20
N ASN B 309 6.01 -1.63 2.64
CA ASN B 309 7.42 -1.28 2.83
C ASN B 309 7.66 0.07 3.49
N GLY B 310 6.61 0.65 4.06
CA GLY B 310 6.73 1.90 4.83
C GLY B 310 6.21 3.04 3.99
N ALA B 311 5.80 4.13 4.65
CA ALA B 311 5.44 5.34 3.97
C ALA B 311 6.69 6.01 3.41
N SER B 312 6.52 6.82 2.37
CA SER B 312 7.64 7.55 1.78
C SER B 312 8.42 8.30 2.86
N ASN B 313 9.73 8.13 2.87
CA ASN B 313 10.60 8.94 3.72
C ASN B 313 10.37 10.47 3.64
N ILE B 314 10.02 10.98 2.46
CA ILE B 314 9.76 12.43 2.28
C ILE B 314 8.42 12.73 2.88
N SER B 315 7.44 11.85 2.70
CA SER B 315 6.10 12.14 3.26
C SER B 315 6.23 12.12 4.81
N GLN B 316 6.97 11.16 5.35
CA GLN B 316 7.25 11.10 6.82
C GLN B 316 7.89 12.41 7.35
N ALA B 317 8.88 12.93 6.65
CA ALA B 317 9.47 14.21 7.00
C ALA B 317 8.46 15.37 6.99
N GLY B 318 7.61 15.46 5.95
CA GLY B 318 6.46 16.36 5.95
C GLY B 318 5.56 16.21 7.18
N ALA B 319 5.08 14.98 7.46
CA ALA B 319 4.25 14.68 8.65
C ALA B 319 4.91 15.17 9.97
N LEU B 320 6.20 14.88 10.13
CA LEU B 320 6.96 15.37 11.30
C LEU B 320 6.97 16.88 11.47
N ALA B 321 7.13 17.60 10.35
CA ALA B 321 7.04 19.06 10.38
C ALA B 321 5.65 19.54 10.70
N CYS B 322 4.59 18.80 10.37
CA CYS B 322 3.26 19.19 10.76
C CYS B 322 3.03 19.34 12.28
N LEU B 323 3.62 18.43 13.04
CA LEU B 323 3.41 18.28 14.48
C LEU B 323 4.44 19.07 15.27
N THR B 324 4.43 20.37 15.01
CA THR B 324 5.32 21.43 15.58
C THR B 324 4.42 22.66 15.78
N PRO B 325 4.82 23.63 16.63
CA PRO B 325 3.90 24.79 16.74
C PRO B 325 3.57 25.45 15.37
N GLU B 326 4.59 25.54 14.53
CA GLU B 326 4.42 26.20 13.21
C GLU B 326 3.55 25.36 12.29
N GLY B 327 3.74 24.04 12.32
CA GLY B 327 2.89 23.18 11.46
C GLY B 327 1.46 23.10 11.92
N LEU B 328 1.23 22.99 13.22
CA LEU B 328 -0.14 22.97 13.72
C LEU B 328 -0.88 24.31 13.47
N GLU B 329 -0.17 25.44 13.56
CA GLU B 329 -0.80 26.76 13.34
C GLU B 329 -1.22 26.84 11.86
N ALA B 330 -0.34 26.34 10.98
CA ALA B 330 -0.51 26.47 9.53
C ALA B 330 -1.69 25.58 9.11
N MET B 331 -1.71 24.33 9.54
CA MET B 331 -2.85 23.46 9.31
C MET B 331 -4.17 23.99 9.83
N HIS B 332 -4.14 24.51 11.04
CA HIS B 332 -5.34 25.04 11.67
C HIS B 332 -5.90 26.15 10.81
N LYS B 333 -5.02 26.94 10.22
CA LYS B 333 -5.44 28.05 9.39
C LYS B 333 -6.14 27.58 8.06
N VAL B 334 -5.62 26.52 7.46
CA VAL B 334 -6.25 25.94 6.27
C VAL B 334 -7.59 25.33 6.60
N ILE B 335 -7.67 24.59 7.69
CA ILE B 335 -8.92 24.02 8.12
C ILE B 335 -9.96 25.09 8.32
N GLY B 336 -9.58 26.22 8.92
CA GLY B 336 -10.54 27.29 9.19
C GLY B 336 -11.06 27.93 7.90
N PHE B 337 -10.18 28.03 6.91
CA PHE B 337 -10.58 28.43 5.52
C PHE B 337 -11.68 27.52 4.95
N TYR B 338 -11.49 26.19 5.00
CA TYR B 338 -12.52 25.27 4.53
C TYR B 338 -13.80 25.26 5.40
N LYS B 339 -13.68 25.44 6.73
CA LYS B 339 -14.87 25.65 7.59
C LYS B 339 -15.69 26.89 7.15
N GLU B 340 -15.00 27.97 6.74
CA GLU B 340 -15.70 29.15 6.18
C GLU B 340 -16.45 28.83 4.88
N ASN B 341 -15.77 28.12 3.95
CA ASN B 341 -16.37 27.54 2.71
C ASN B 341 -17.61 26.76 3.01
N THR B 342 -17.55 25.89 4.03
CA THR B 342 -18.71 25.07 4.35
C THR B 342 -19.94 25.85 4.80
N ASN B 343 -19.70 26.92 5.53
CA ASN B 343 -20.76 27.82 5.98
C ASN B 343 -21.45 28.54 4.81
N ILE B 344 -20.64 29.10 3.89
CA ILE B 344 -21.19 29.63 2.62
C ILE B 344 -22.13 28.59 1.96
N ILE B 345 -21.74 27.31 1.98
CA ILE B 345 -22.54 26.29 1.32
C ILE B 345 -23.82 25.95 2.10
N ILE B 346 -23.72 25.80 3.41
CA ILE B 346 -24.90 25.67 4.26
C ILE B 346 -25.92 26.81 4.07
N ASP B 347 -25.47 28.06 4.10
CA ASP B 347 -26.34 29.22 3.99
C ASP B 347 -27.08 29.18 2.63
N THR B 348 -26.36 28.85 1.57
CA THR B 348 -26.93 28.80 0.25
C THR B 348 -28.06 27.80 0.23
N PHE B 349 -27.80 26.56 0.62
CA PHE B 349 -28.83 25.55 0.56
C PHE B 349 -29.99 25.78 1.54
N THR B 350 -29.69 26.27 2.75
CA THR B 350 -30.76 26.52 3.72
C THR B 350 -31.63 27.71 3.19
N SER B 351 -31.03 28.71 2.56
CA SER B 351 -31.83 29.83 2.05
C SER B 351 -32.70 29.45 0.82
N LEU B 352 -32.27 28.42 0.08
CA LEU B 352 -33.06 27.85 -1.00
C LEU B 352 -34.16 26.94 -0.46
N GLY B 353 -34.23 26.83 0.86
CA GLY B 353 -35.26 26.04 1.53
C GLY B 353 -35.04 24.55 1.58
N TYR B 354 -33.80 24.09 1.50
CA TYR B 354 -33.56 22.63 1.60
C TYR B 354 -33.34 22.28 3.04
N ASP B 355 -33.66 21.03 3.39
CA ASP B 355 -33.11 20.41 4.58
C ASP B 355 -31.66 20.02 4.33
N VAL B 356 -30.78 20.62 5.12
CA VAL B 356 -29.33 20.55 5.01
C VAL B 356 -28.78 20.04 6.34
N TYR B 357 -27.90 19.05 6.33
CA TYR B 357 -27.30 18.51 7.56
C TYR B 357 -25.77 18.60 7.50
N GLY B 358 -25.08 18.40 8.63
CA GLY B 358 -23.61 18.39 8.61
C GLY B 358 -23.07 19.80 8.50
N GLY B 359 -21.82 19.93 8.06
CA GLY B 359 -21.23 21.27 7.83
C GLY B 359 -20.82 22.00 9.10
N LYS B 360 -21.09 21.38 10.24
CA LYS B 360 -20.77 21.97 11.57
C LYS B 360 -19.42 21.41 12.00
N ASN B 361 -19.31 20.09 11.91
CA ASN B 361 -18.14 19.37 12.38
C ASN B 361 -17.35 18.67 11.27
N ALA B 362 -17.51 19.17 10.03
CA ALA B 362 -17.03 18.45 8.82
C ALA B 362 -17.05 19.37 7.62
N PRO B 363 -16.14 19.17 6.64
CA PRO B 363 -16.12 20.02 5.44
C PRO B 363 -17.07 19.49 4.29
N TYR B 364 -18.23 18.99 4.67
CA TYR B 364 -19.20 18.36 3.76
C TYR B 364 -20.55 18.86 4.21
N VAL B 365 -21.45 19.07 3.26
CA VAL B 365 -22.84 19.32 3.60
C VAL B 365 -23.68 18.22 2.96
N TRP B 366 -24.72 17.80 3.64
CA TRP B 366 -25.49 16.60 3.29
C TRP B 366 -26.90 17.13 3.07
N VAL B 367 -27.27 17.27 1.80
CA VAL B 367 -28.50 17.97 1.36
C VAL B 367 -29.59 16.99 0.92
N HIS B 368 -30.77 17.08 1.53
CA HIS B 368 -31.94 16.25 1.21
C HIS B 368 -32.68 16.76 -0.03
N PHE B 369 -32.76 15.89 -1.04
CA PHE B 369 -33.52 16.16 -2.26
C PHE B 369 -34.67 15.16 -2.24
N PRO B 370 -35.84 15.56 -1.68
CA PRO B 370 -36.94 14.59 -1.52
C PRO B 370 -37.50 14.18 -2.87
N ASN B 371 -38.05 12.97 -2.94
CA ASN B 371 -38.75 12.48 -4.13
C ASN B 371 -37.88 12.40 -5.39
N GLN B 372 -36.60 12.12 -5.21
CA GLN B 372 -35.73 12.12 -6.36
C GLN B 372 -34.47 11.30 -6.12
N SER B 373 -34.01 10.58 -7.14
CA SER B 373 -32.86 9.72 -6.98
C SER B 373 -31.56 10.55 -6.87
N SER B 374 -30.63 10.16 -5.99
CA SER B 374 -29.36 10.88 -5.80
C SER B 374 -28.61 11.03 -7.14
N TRP B 375 -28.49 9.92 -7.86
CA TRP B 375 -27.88 9.94 -9.18
C TRP B 375 -28.54 10.89 -10.20
N ASP B 376 -29.87 11.04 -10.17
CA ASP B 376 -30.53 11.95 -11.15
C ASP B 376 -30.21 13.35 -10.74
N VAL B 377 -30.21 13.62 -9.42
CA VAL B 377 -29.83 14.92 -8.93
C VAL B 377 -28.40 15.24 -9.30
N PHE B 378 -27.49 14.29 -9.08
CA PHE B 378 -26.11 14.47 -9.49
C PHE B 378 -26.07 14.87 -10.97
N ALA B 379 -26.73 14.04 -11.82
CA ALA B 379 -26.73 14.26 -13.28
C ALA B 379 -27.27 15.68 -13.67
N GLU B 380 -28.37 16.08 -13.04
CA GLU B 380 -29.02 17.36 -13.31
C GLU B 380 -28.16 18.58 -12.94
N ILE B 381 -27.55 18.49 -11.76
CA ILE B 381 -26.65 19.54 -11.31
C ILE B 381 -25.46 19.65 -12.21
N LEU B 382 -24.90 18.50 -12.62
CA LEU B 382 -23.71 18.53 -13.42
C LEU B 382 -24.08 19.08 -14.79
N GLU B 383 -25.17 18.57 -15.39
CA GLU B 383 -25.62 19.06 -16.71
C GLU B 383 -25.91 20.60 -16.75
N LYS B 384 -26.67 21.08 -15.77
CA LYS B 384 -27.19 22.45 -15.76
C LYS B 384 -26.25 23.50 -15.21
N THR B 385 -25.37 23.16 -14.25
CA THR B 385 -24.54 24.15 -13.54
C THR B 385 -23.05 23.85 -13.69
N HIS B 386 -22.70 22.67 -14.21
CA HIS B 386 -21.31 22.19 -14.35
C HIS B 386 -20.63 22.14 -12.96
N VAL B 387 -21.40 21.70 -11.98
CA VAL B 387 -20.87 21.44 -10.66
C VAL B 387 -20.99 19.96 -10.40
N VAL B 388 -19.85 19.35 -10.05
CA VAL B 388 -19.79 17.94 -9.60
C VAL B 388 -20.04 17.88 -8.07
N THR B 389 -20.99 17.03 -7.68
CA THR B 389 -21.34 16.69 -6.32
C THR B 389 -21.20 15.16 -6.15
N THR B 390 -21.66 14.61 -5.02
CA THR B 390 -21.62 13.13 -4.84
C THR B 390 -23.02 12.60 -4.55
N PRO B 391 -23.51 11.66 -5.39
CA PRO B 391 -24.87 11.14 -5.13
C PRO B 391 -24.86 10.43 -3.79
N GLY B 392 -25.81 10.72 -2.91
CA GLY B 392 -25.80 10.11 -1.57
C GLY B 392 -25.87 8.59 -1.58
N SER B 393 -26.54 8.03 -2.58
CA SER B 393 -26.67 6.53 -2.69
C SER B 393 -25.33 5.78 -2.90
N GLY B 394 -24.31 6.50 -3.36
CA GLY B 394 -22.93 6.02 -3.34
C GLY B 394 -22.36 5.69 -1.95
N PHE B 395 -23.04 6.13 -0.89
CA PHE B 395 -22.60 5.90 0.48
C PHE B 395 -23.51 4.90 1.15
N GLY B 396 -24.27 4.19 0.32
CA GLY B 396 -25.11 3.07 0.78
C GLY B 396 -26.56 3.48 0.71
N PRO B 397 -27.48 2.52 0.94
CA PRO B 397 -28.93 2.70 0.76
C PRO B 397 -29.54 3.83 1.61
N GLY B 398 -29.05 4.00 2.85
CA GLY B 398 -29.45 5.14 3.68
C GLY B 398 -29.07 6.51 3.12
N GLY B 399 -28.25 6.55 2.09
CA GLY B 399 -27.87 7.80 1.49
C GLY B 399 -28.77 8.21 0.33
N GLU B 400 -29.69 7.34 -0.06
CA GLU B 400 -30.62 7.65 -1.12
C GLU B 400 -31.49 8.91 -0.86
N GLY B 401 -31.55 9.75 -1.87
CA GLY B 401 -32.31 11.00 -1.79
C GLY B 401 -31.48 12.14 -1.21
N PHE B 402 -30.20 11.90 -0.98
CA PHE B 402 -29.33 12.96 -0.45
C PHE B 402 -28.26 13.18 -1.47
N VAL B 403 -27.68 14.36 -1.45
CA VAL B 403 -26.47 14.61 -2.18
C VAL B 403 -25.39 15.16 -1.19
N ARG B 404 -24.15 14.72 -1.38
CA ARG B 404 -23.06 15.31 -0.61
C ARG B 404 -22.39 16.38 -1.41
N VAL B 405 -22.22 17.55 -0.78
CA VAL B 405 -21.46 18.67 -1.37
C VAL B 405 -20.20 18.94 -0.51
N SER B 406 -19.05 18.84 -1.15
CA SER B 406 -17.76 19.01 -0.51
C SER B 406 -17.47 20.53 -0.44
N ALA B 407 -16.83 21.00 0.64
CA ALA B 407 -16.49 22.45 0.75
C ALA B 407 -15.05 22.80 0.34
N PHE B 408 -14.32 21.81 -0.17
CA PHE B 408 -12.96 22.06 -0.60
C PHE B 408 -12.95 22.87 -1.93
N GLY B 409 -12.33 24.04 -1.94
CA GLY B 409 -12.20 24.76 -3.18
C GLY B 409 -11.73 26.16 -2.89
N HIS B 410 -11.08 26.74 -3.89
CA HIS B 410 -10.76 28.17 -3.83
C HIS B 410 -12.05 28.88 -3.53
N ARG B 411 -11.91 30.01 -2.81
CA ARG B 411 -13.03 30.76 -2.32
C ARG B 411 -13.89 31.20 -3.50
N GLU B 412 -13.25 31.62 -4.58
CA GLU B 412 -13.99 32.11 -5.72
C GLU B 412 -14.80 30.97 -6.32
N ASN B 413 -14.25 29.75 -6.39
CA ASN B 413 -15.01 28.63 -6.93
C ASN B 413 -16.19 28.24 -6.03
N ILE B 414 -16.03 28.31 -4.71
CA ILE B 414 -17.17 28.02 -3.81
C ILE B 414 -18.26 29.08 -4.03
N LEU B 415 -17.84 30.33 -4.09
CA LEU B 415 -18.80 31.42 -4.34
C LEU B 415 -19.55 31.26 -5.67
N GLU B 416 -18.81 31.09 -6.76
CA GLU B 416 -19.40 30.76 -8.07
C GLU B 416 -20.33 29.55 -7.99
N ALA B 417 -19.88 28.41 -7.42
CA ALA B 417 -20.81 27.26 -7.29
C ALA B 417 -22.09 27.61 -6.58
N CYS B 418 -21.98 28.34 -5.49
CA CYS B 418 -23.15 28.71 -4.71
C CYS B 418 -24.05 29.64 -5.52
N ARG B 419 -23.45 30.55 -6.26
CA ARG B 419 -24.35 31.43 -7.03
C ARG B 419 -25.03 30.66 -8.17
N ARG B 420 -24.35 29.66 -8.73
CA ARG B 420 -24.99 28.73 -9.67
C ARG B 420 -26.17 27.90 -9.13
N PHE B 421 -26.00 27.30 -7.95
CA PHE B 421 -27.08 26.65 -7.21
C PHE B 421 -28.28 27.58 -7.00
N LYS B 422 -28.02 28.82 -6.56
CA LYS B 422 -29.12 29.74 -6.22
C LYS B 422 -29.90 30.01 -7.48
N GLN B 423 -29.18 30.30 -8.54
CA GLN B 423 -29.77 30.66 -9.82
C GLN B 423 -30.63 29.53 -10.37
N LEU B 424 -30.10 28.29 -10.33
CA LEU B 424 -30.85 27.10 -10.73
C LEU B 424 -32.11 26.85 -9.88
N TYR B 425 -31.99 27.01 -8.56
CA TYR B 425 -33.05 26.52 -7.67
C TYR B 425 -33.95 27.61 -7.07
N LYS B 426 -33.69 28.86 -7.38
CA LYS B 426 -34.43 29.93 -6.72
C LYS B 426 -35.92 30.09 -7.04
N HIS B 427 -36.38 29.70 -8.23
CA HIS B 427 -37.82 29.87 -8.57
C HIS B 427 -38.60 28.56 -8.46
S SO4 C . -4.57 6.23 -20.43
O1 SO4 C . -5.73 5.88 -21.18
O2 SO4 C . -3.41 6.11 -21.25
O3 SO4 C . -4.68 7.65 -19.94
O4 SO4 C . -4.47 5.28 -19.27
OAE PL6 D . 11.20 -1.90 -2.46
PAY PL6 D . 10.03 -2.68 -3.14
OAI PL6 D . 9.75 -1.79 -4.44
OAD PL6 D . 8.77 -2.91 -2.35
OAQ PL6 D . 10.60 -4.08 -3.76
CAN PL6 D . 10.73 -5.11 -2.91
CAU PL6 D . 11.35 -6.32 -3.66
CAK PL6 D . 10.52 -6.99 -4.60
NAO PL6 D . 10.93 -8.05 -5.27
CAT PL6 D . 12.16 -8.54 -5.05
CAA PL6 D . 12.65 -9.77 -5.79
CAV PL6 D . 13.02 -7.91 -4.15
OAH PL6 D . 14.26 -8.40 -3.94
CAW PL6 D . 12.67 -6.76 -3.43
CAJ PL6 D . 13.60 -6.19 -2.46
N PL6 D . 14.26 -7.10 -1.65
CA PL6 D . 15.29 -6.94 -0.54
C PL6 D . 15.89 -8.30 0.09
OXT PL6 D . 15.41 -9.41 -0.12
O PL6 D . 16.85 -8.22 0.85
CB PL6 D . 14.68 -6.07 0.60
CG PL6 D . 13.73 -6.87 1.59
CD PL6 D . 12.18 -6.70 1.39
OE2 PL6 D . 11.48 -7.46 2.16
OE1 PL6 D . 11.74 -5.85 0.49
OAE PL6 E . -6.41 10.13 1.85
PAY PL6 E . -6.74 8.83 2.68
OAI PL6 E . -5.83 9.01 3.95
OAD PL6 E . -6.39 7.52 2.08
OAQ PL6 E . -8.26 9.06 3.16
CAN PL6 E . -9.24 8.05 2.97
CAU PL6 E . -10.53 8.35 3.71
CAK PL6 E . -10.74 7.58 4.87
NAO PL6 E . -11.86 7.75 5.60
CAT PL6 E . -12.82 8.63 5.28
CAA PL6 E . -14.10 8.81 6.10
CAV PL6 E . -12.67 9.40 4.14
OAH PL6 E . -13.66 10.26 3.86
CAW PL6 E . -11.52 9.29 3.32
CAJ PL6 E . -11.47 10.15 2.18
N PL6 E . -12.52 10.23 1.34
CA PL6 E . -12.67 11.13 0.16
C PL6 E . -14.21 11.37 -0.11
OXT PL6 E . -15.02 10.80 0.63
O PL6 E . -14.55 12.16 -1.02
CB PL6 E . -11.78 10.77 -1.07
CG PL6 E . -12.15 9.52 -1.90
CD PL6 E . -11.45 8.23 -1.39
OE2 PL6 E . -11.88 7.17 -1.89
OE1 PL6 E . -10.53 8.34 -0.50
S SO4 F . 9.10 1.85 20.09
O1 SO4 F . 8.44 3.07 19.80
O2 SO4 F . 9.23 1.74 21.52
O3 SO4 F . 8.30 0.68 19.58
O4 SO4 F . 10.47 1.85 19.46
#